data_4RIW
#
_entry.id   4RIW
#
_cell.length_a   65.780
_cell.length_b   154.640
_cell.length_c   86.970
_cell.angle_alpha   90.00
_cell.angle_beta   110.89
_cell.angle_gamma   90.00
#
_symmetry.space_group_name_H-M   'P 1 21 1'
#
loop_
_entity.id
_entity.type
_entity.pdbx_description
1 polymer 'Receptor tyrosine-protein kinase erbB-3'
2 polymer 'Epidermal growth factor receptor'
3 non-polymer 'PHOSPHOAMINOPHOSPHONIC ACID-ADENYLATE ESTER'
4 non-polymer 'MAGNESIUM ION'
5 non-polymer "ADENOSINE-5'-DIPHOSPHATE"
#
loop_
_entity_poly.entity_id
_entity_poly.type
_entity_poly.pdbx_seq_one_letter_code
_entity_poly.pdbx_strand_id
1 'polypeptide(L)'
;GAGKVLARIFKETELRKLKVLGSGVFGTVHKGVWIPEGESIKIPVCIKVIEDKSGRQSFQAVTDHMLAIGSLDHAHIVRL
LGLCPGSSLQLVTQYLPLGSLLDHVRQHRGALGPQLLLNWGVQIAKGMYYLEEHGMVHRNLAARNVLLKSPSQVQVADFG
VADLLPPDDKQLLYSEAKTPIKWMALESIHFGKYTHQSDVWSYGVTVWELMTFGAEPYAGLRLAEVPDLLEKGERLAQPQ
ICTIDVYMVMVKCWMIDENIRPTFKELANEFTRMARDPPRYLVIKRESGPGIAPGPEPHGLTNKKLEEVELEPELDLDLD
LEAEED
;
A,C
2 'polypeptide(L)'
;GAMGLLQERELVEPLTPSGEAPNQALLRILKETEFKKIKVLGSGAFGTVYKGLWIPEGEKVKIPVAIKELREATSPKANK
EILDEAYVMASVDNPHVCRLLGICLTSTVQLITQLMPFGCLLDYVREHKDNIGSQYLLNWCVQIAKGMNYLEDRRLVHRD
LAARNVLVKTPQHVKITDFGLAKLLGAEEKEYHAEGGKVPIKWMALESILHRIYTHQSDVWSYGVTVWELMTFGSKPYDG
IPASEISSILEKGERLPQPPICTIDVYMIMRKCWMIDADSRPKFRELIIEFSKMARDPQRYLVIQGDERMHLPSPTDSNA
YRAAMDEEDMDDVVDADEYLIPQQG
;
B,D
#
loop_
_chem_comp.id
_chem_comp.type
_chem_comp.name
_chem_comp.formula
ADP non-polymer ADENOSINE-5'-DIPHOSPHATE 'C10 H15 N5 O10 P2'
ANP non-polymer 'PHOSPHOAMINOPHOSPHONIC ACID-ADENYLATE ESTER' 'C10 H17 N6 O12 P3'
MG non-polymer 'MAGNESIUM ION' 'Mg 2'
#
# COMPACT_ATOMS: atom_id res chain seq x y z
N VAL A 5 46.97 -28.76 27.47
CA VAL A 5 48.22 -28.07 27.77
C VAL A 5 49.42 -29.01 27.83
N LEU A 6 49.20 -30.25 28.23
CA LEU A 6 50.31 -31.19 28.37
C LEU A 6 50.11 -32.41 27.48
N ALA A 7 51.13 -32.68 26.64
CA ALA A 7 51.09 -33.81 25.72
C ALA A 7 51.52 -35.12 26.36
N ARG A 8 50.62 -36.10 26.37
CA ARG A 8 50.92 -37.41 26.93
C ARG A 8 51.40 -38.36 25.83
N ILE A 9 52.40 -39.17 26.15
CA ILE A 9 52.95 -40.10 25.16
C ILE A 9 52.66 -41.55 25.55
N PHE A 10 52.16 -42.32 24.58
CA PHE A 10 51.77 -43.70 24.82
C PHE A 10 52.77 -44.70 24.26
N LYS A 11 52.78 -45.90 24.81
CA LYS A 11 53.54 -47.00 24.23
C LYS A 11 52.57 -47.85 23.43
N GLU A 12 53.06 -48.51 22.39
CA GLU A 12 52.19 -49.28 21.50
C GLU A 12 51.44 -50.39 22.24
N THR A 13 51.94 -50.78 23.40
CA THR A 13 51.33 -51.84 24.19
C THR A 13 50.17 -51.31 25.02
N GLU A 14 50.11 -49.99 25.20
CA GLU A 14 49.05 -49.38 25.97
C GLU A 14 47.76 -49.18 25.16
N LEU A 15 47.86 -49.39 23.85
CA LEU A 15 46.73 -49.17 22.95
C LEU A 15 46.32 -50.42 22.18
N ARG A 16 45.04 -50.51 21.87
CA ARG A 16 44.48 -51.65 21.14
C ARG A 16 43.29 -51.20 20.31
N LYS A 17 43.21 -51.68 19.08
CA LYS A 17 42.14 -51.28 18.16
C LYS A 17 41.02 -52.31 18.06
N LEU A 18 39.80 -51.91 18.36
CA LEU A 18 38.69 -52.87 18.39
C LEU A 18 37.91 -52.91 17.07
N LYS A 19 37.32 -51.79 16.67
CA LYS A 19 36.51 -51.78 15.44
C LYS A 19 36.78 -50.55 14.60
N VAL A 20 36.79 -50.72 13.28
CA VAL A 20 37.00 -49.58 12.38
C VAL A 20 35.75 -48.68 12.36
N LEU A 21 35.95 -47.41 12.65
CA LEU A 21 34.83 -46.46 12.66
C LEU A 21 34.67 -45.78 11.30
N GLY A 22 35.78 -45.57 10.61
CA GLY A 22 35.76 -44.95 9.30
C GLY A 22 37.09 -44.36 8.90
N SER A 23 37.23 -44.11 7.60
CA SER A 23 38.45 -43.53 7.06
C SER A 23 38.12 -42.30 6.23
N GLY A 24 39.02 -41.32 6.25
CA GLY A 24 38.83 -40.11 5.49
C GLY A 24 40.03 -39.83 4.60
N VAL A 25 40.40 -38.57 4.49
CA VAL A 25 41.47 -38.16 3.61
C VAL A 25 42.85 -38.51 4.18
N PHE A 26 43.04 -38.26 5.47
CA PHE A 26 44.36 -38.40 6.09
C PHE A 26 44.61 -39.75 6.75
N GLY A 27 43.78 -40.10 7.72
CA GLY A 27 44.02 -41.31 8.50
C GLY A 27 42.83 -42.24 8.60
N THR A 28 42.99 -43.31 9.37
CA THR A 28 41.91 -44.26 9.60
C THR A 28 41.52 -44.30 11.08
N VAL A 29 40.26 -43.99 11.37
CA VAL A 29 39.81 -43.90 12.75
C VAL A 29 39.22 -45.22 13.26
N HIS A 30 39.83 -45.74 14.32
CA HIS A 30 39.38 -46.94 14.99
C HIS A 30 38.80 -46.60 16.36
N LYS A 31 37.70 -47.24 16.72
CA LYS A 31 37.27 -47.24 18.10
C LYS A 31 38.07 -48.32 18.80
N GLY A 32 38.85 -47.92 19.80
CA GLY A 32 39.73 -48.83 20.48
C GLY A 32 39.71 -48.60 21.98
N VAL A 33 40.77 -49.05 22.64
CA VAL A 33 40.80 -48.97 24.09
C VAL A 33 42.19 -48.65 24.64
N TRP A 34 42.23 -48.10 25.85
CA TRP A 34 43.49 -47.81 26.53
C TRP A 34 43.68 -48.75 27.72
N ILE A 35 44.78 -49.49 27.66
CA ILE A 35 45.23 -50.34 28.75
C ILE A 35 46.59 -49.86 29.21
N PRO A 36 46.64 -49.00 30.24
CA PRO A 36 47.89 -48.40 30.72
C PRO A 36 48.93 -49.40 31.21
N GLU A 37 50.06 -48.90 31.72
CA GLU A 37 51.13 -49.77 32.20
C GLU A 37 50.78 -50.50 33.48
N GLY A 38 50.65 -51.82 33.36
CA GLY A 38 50.56 -52.71 34.51
C GLY A 38 49.13 -52.96 34.93
N GLU A 39 48.21 -52.16 34.39
CA GLU A 39 46.80 -52.28 34.72
C GLU A 39 46.07 -53.27 33.81
N SER A 40 44.84 -53.61 34.18
CA SER A 40 44.04 -54.56 33.41
C SER A 40 42.73 -53.92 33.03
N ILE A 41 42.70 -52.60 33.16
CA ILE A 41 41.53 -51.80 32.82
C ILE A 41 41.49 -51.47 31.33
N LYS A 42 40.30 -51.53 30.77
CA LYS A 42 40.08 -51.16 29.39
C LYS A 42 39.25 -49.87 29.34
N ILE A 43 39.90 -48.75 29.01
CA ILE A 43 39.18 -47.49 28.94
C ILE A 43 38.89 -47.09 27.49
N PRO A 44 37.60 -47.03 27.11
CA PRO A 44 37.18 -46.78 25.73
C PRO A 44 37.73 -45.48 25.15
N VAL A 45 38.52 -45.58 24.09
CA VAL A 45 39.07 -44.39 23.43
C VAL A 45 38.97 -44.46 21.91
N CYS A 46 39.39 -43.38 21.27
CA CYS A 46 39.34 -43.26 19.82
C CYS A 46 40.75 -43.10 19.24
N ILE A 47 41.22 -44.14 18.56
CA ILE A 47 42.58 -44.15 18.02
C ILE A 47 42.59 -43.92 16.51
N LYS A 48 43.17 -42.80 16.09
CA LYS A 48 43.28 -42.48 14.67
C LYS A 48 44.69 -42.78 14.15
N VAL A 49 44.78 -43.65 13.16
CA VAL A 49 46.07 -44.07 12.63
C VAL A 49 46.44 -43.35 11.34
N ILE A 50 47.55 -42.61 11.39
CA ILE A 50 48.11 -41.93 10.24
C ILE A 50 49.38 -42.66 9.80
N GLU A 51 49.43 -43.06 8.54
CA GLU A 51 50.58 -43.79 8.02
C GLU A 51 51.72 -42.84 7.64
N ASP A 52 52.92 -43.17 8.07
CA ASP A 52 54.10 -42.32 7.85
C ASP A 52 54.50 -42.26 6.38
N LYS A 53 54.18 -41.15 5.72
CA LYS A 53 54.55 -40.95 4.33
C LYS A 53 55.71 -39.97 4.21
N SER A 54 56.51 -39.88 5.27
CA SER A 54 57.64 -38.97 5.31
C SER A 54 58.82 -39.50 4.50
N GLY A 55 59.10 -40.79 4.64
CA GLY A 55 60.24 -41.41 4.01
C GLY A 55 61.47 -41.31 4.90
N ARG A 56 61.50 -40.30 5.76
CA ARG A 56 62.60 -40.10 6.69
C ARG A 56 62.38 -40.90 7.99
N GLN A 57 61.31 -41.69 8.01
CA GLN A 57 60.89 -42.41 9.21
C GLN A 57 60.75 -41.45 10.38
N SER A 58 59.79 -40.54 10.27
CA SER A 58 59.69 -39.40 11.18
C SER A 58 58.69 -39.59 12.31
N PHE A 59 57.81 -40.59 12.20
CA PHE A 59 56.80 -40.78 13.23
C PHE A 59 57.26 -41.75 14.30
N GLN A 60 58.54 -42.09 14.30
CA GLN A 60 59.10 -42.99 15.31
C GLN A 60 59.41 -42.21 16.58
N ALA A 61 59.50 -40.89 16.44
CA ALA A 61 59.82 -40.00 17.54
C ALA A 61 58.83 -38.84 17.61
N VAL A 62 58.65 -38.28 18.80
CA VAL A 62 57.69 -37.21 19.00
C VAL A 62 58.24 -35.88 18.51
N THR A 63 57.63 -35.36 17.45
CA THR A 63 58.06 -34.09 16.83
C THR A 63 57.49 -32.88 17.55
N ASP A 64 57.87 -31.69 17.09
CA ASP A 64 57.39 -30.45 17.69
C ASP A 64 55.92 -30.20 17.38
N HIS A 65 55.50 -30.58 16.17
CA HIS A 65 54.11 -30.38 15.76
C HIS A 65 53.16 -31.27 16.56
N MET A 66 53.63 -32.48 16.87
CA MET A 66 52.87 -33.40 17.71
C MET A 66 52.66 -32.81 19.10
N LEU A 67 53.72 -32.18 19.62
CA LEU A 67 53.65 -31.52 20.91
C LEU A 67 52.71 -30.32 20.85
N ALA A 68 52.72 -29.63 19.72
CA ALA A 68 51.84 -28.49 19.50
C ALA A 68 50.37 -28.91 19.55
N ILE A 69 50.06 -30.02 18.88
CA ILE A 69 48.71 -30.56 18.89
C ILE A 69 48.32 -31.06 20.28
N GLY A 70 49.24 -31.75 20.95
CA GLY A 70 48.99 -32.32 22.25
C GLY A 70 48.99 -31.31 23.39
N SER A 71 49.42 -30.08 23.10
CA SER A 71 49.46 -29.05 24.13
C SER A 71 48.32 -28.07 23.96
N LEU A 72 47.16 -28.59 23.57
CA LEU A 72 45.97 -27.77 23.38
C LEU A 72 44.78 -28.36 24.11
N ASP A 73 44.05 -27.53 24.83
CA ASP A 73 42.80 -27.94 25.47
C ASP A 73 41.83 -26.76 25.54
N HIS A 74 40.60 -27.00 25.12
CA HIS A 74 39.57 -25.97 25.15
C HIS A 74 38.20 -26.62 25.27
N ALA A 75 37.22 -25.85 25.75
CA ALA A 75 35.88 -26.38 25.99
C ALA A 75 35.17 -26.79 24.69
N HIS A 76 35.63 -26.27 23.57
CA HIS A 76 34.95 -26.51 22.29
C HIS A 76 35.87 -27.05 21.20
N ILE A 77 36.94 -27.71 21.62
CA ILE A 77 37.78 -28.48 20.71
C ILE A 77 37.98 -29.88 21.30
N VAL A 78 38.28 -30.86 20.44
CA VAL A 78 38.50 -32.22 20.90
C VAL A 78 39.93 -32.38 21.42
N ARG A 79 40.04 -32.45 22.74
CA ARG A 79 41.32 -32.61 23.42
C ARG A 79 42.00 -33.92 22.98
N LEU A 80 43.29 -33.83 22.65
CA LEU A 80 44.10 -35.00 22.33
C LEU A 80 44.67 -35.66 23.58
N LEU A 81 44.06 -36.77 24.00
CA LEU A 81 44.48 -37.48 25.21
C LEU A 81 45.95 -37.92 25.15
N GLY A 82 46.34 -38.52 24.03
CA GLY A 82 47.72 -38.98 23.87
C GLY A 82 48.07 -39.30 22.43
N LEU A 83 49.36 -39.48 22.18
CA LEU A 83 49.84 -39.90 20.86
C LEU A 83 50.78 -41.09 21.01
N CYS A 84 50.82 -41.94 19.99
CA CYS A 84 51.70 -43.10 19.98
C CYS A 84 52.53 -43.17 18.70
N PRO A 85 53.82 -42.86 18.82
CA PRO A 85 54.77 -42.90 17.69
C PRO A 85 55.05 -44.32 17.19
N GLY A 86 55.86 -44.41 16.15
CA GLY A 86 56.24 -45.69 15.57
C GLY A 86 56.16 -45.62 14.05
N SER A 87 56.04 -46.77 13.40
CA SER A 87 55.84 -46.82 11.96
C SER A 87 54.57 -46.05 11.59
N SER A 88 53.55 -46.23 12.41
CA SER A 88 52.29 -45.52 12.22
C SER A 88 52.01 -44.63 13.42
N LEU A 89 51.51 -43.43 13.15
CA LEU A 89 51.17 -42.49 14.22
C LEU A 89 49.77 -42.76 14.74
N GLN A 90 49.62 -42.86 16.05
CA GLN A 90 48.30 -43.08 16.63
C GLN A 90 47.89 -41.91 17.51
N LEU A 91 46.81 -41.25 17.12
CA LEU A 91 46.27 -40.12 17.87
C LEU A 91 45.05 -40.56 18.69
N VAL A 92 45.16 -40.44 20.01
CA VAL A 92 44.11 -40.93 20.89
C VAL A 92 43.26 -39.79 21.46
N THR A 93 41.95 -39.88 21.26
CA THR A 93 41.02 -38.88 21.81
C THR A 93 39.86 -39.56 22.50
N GLN A 94 38.97 -38.77 23.11
CA GLN A 94 37.77 -39.31 23.73
C GLN A 94 36.81 -39.84 22.68
N TYR A 95 36.00 -40.83 23.05
CA TYR A 95 35.01 -41.36 22.14
C TYR A 95 33.67 -40.68 22.39
N LEU A 96 33.27 -39.82 21.46
CA LEU A 96 32.02 -39.09 21.57
C LEU A 96 30.91 -39.84 20.84
N PRO A 97 30.02 -40.51 21.59
CA PRO A 97 28.99 -41.39 21.03
C PRO A 97 27.96 -40.65 20.20
N LEU A 98 27.75 -39.37 20.49
CA LEU A 98 26.70 -38.59 19.84
C LEU A 98 27.00 -38.35 18.36
N GLY A 99 28.23 -38.64 17.96
CA GLY A 99 28.60 -38.56 16.55
C GLY A 99 28.90 -37.16 16.07
N SER A 100 28.99 -37.01 14.75
CA SER A 100 29.33 -35.74 14.12
C SER A 100 28.13 -34.78 14.09
N LEU A 101 28.43 -33.50 13.94
CA LEU A 101 27.39 -32.48 13.84
C LEU A 101 26.62 -32.62 12.53
N LEU A 102 27.34 -33.04 11.48
CA LEU A 102 26.74 -33.22 10.16
C LEU A 102 25.62 -34.24 10.19
N ASP A 103 25.92 -35.41 10.76
CA ASP A 103 24.94 -36.50 10.82
C ASP A 103 23.78 -36.12 11.74
N HIS A 104 24.07 -35.24 12.70
CA HIS A 104 23.05 -34.84 13.67
C HIS A 104 22.07 -33.87 13.04
N VAL A 105 22.59 -32.86 12.35
CA VAL A 105 21.71 -31.88 11.70
C VAL A 105 20.97 -32.52 10.53
N ARG A 106 21.58 -33.54 9.92
CA ARG A 106 20.89 -34.29 8.88
C ARG A 106 19.77 -35.12 9.48
N GLN A 107 20.00 -35.59 10.72
CA GLN A 107 19.03 -36.44 11.41
C GLN A 107 17.82 -35.66 11.92
N HIS A 108 18.03 -34.64 12.74
CA HIS A 108 16.91 -33.91 13.34
C HIS A 108 16.41 -32.81 12.41
N ARG A 109 17.33 -32.21 11.66
CA ARG A 109 17.00 -31.14 10.73
C ARG A 109 16.27 -29.98 11.41
N GLY A 110 15.14 -29.58 10.87
CA GLY A 110 14.40 -28.43 11.39
C GLY A 110 13.96 -28.54 12.83
N ALA A 111 13.88 -29.79 13.33
CA ALA A 111 13.43 -30.05 14.69
C ALA A 111 14.35 -29.40 15.74
N LEU A 112 15.62 -29.26 15.39
CA LEU A 112 16.57 -28.55 16.25
C LEU A 112 16.20 -27.09 16.37
N GLY A 113 16.50 -26.48 17.51
CA GLY A 113 16.20 -25.08 17.73
C GLY A 113 17.15 -24.17 17.00
N PRO A 114 16.64 -23.07 16.43
CA PRO A 114 17.48 -22.05 15.78
C PRO A 114 18.48 -21.45 16.76
N GLN A 115 18.07 -21.38 18.03
CA GLN A 115 18.95 -20.96 19.10
C GLN A 115 20.17 -21.88 19.19
N LEU A 116 19.92 -23.18 18.99
CA LEU A 116 20.99 -24.17 19.04
C LEU A 116 21.92 -24.04 17.85
N LEU A 117 21.35 -23.75 16.68
CA LEU A 117 22.14 -23.57 15.47
C LEU A 117 23.07 -22.37 15.62
N LEU A 118 22.51 -21.24 16.06
CA LEU A 118 23.31 -20.03 16.25
C LEU A 118 24.38 -20.24 17.31
N ASN A 119 23.99 -20.84 18.43
CA ASN A 119 24.93 -21.09 19.51
C ASN A 119 26.04 -22.05 19.08
N TRP A 120 25.72 -23.01 18.22
CA TRP A 120 26.71 -23.92 17.67
C TRP A 120 27.68 -23.15 16.77
N GLY A 121 27.16 -22.19 16.03
CA GLY A 121 28.01 -21.31 15.25
C GLY A 121 29.00 -20.61 16.17
N VAL A 122 28.48 -20.07 17.27
CA VAL A 122 29.30 -19.40 18.27
C VAL A 122 30.38 -20.31 18.84
N GLN A 123 30.01 -21.54 19.15
CA GLN A 123 30.93 -22.52 19.74
C GLN A 123 32.05 -22.89 18.77
N ILE A 124 31.68 -23.15 17.52
CA ILE A 124 32.67 -23.48 16.51
C ILE A 124 33.65 -22.32 16.36
N ALA A 125 33.12 -21.10 16.28
CA ALA A 125 33.97 -19.91 16.20
C ALA A 125 34.86 -19.78 17.44
N LYS A 126 34.34 -20.19 18.59
CA LYS A 126 35.07 -20.20 19.85
C LYS A 126 36.31 -21.08 19.77
N GLY A 127 36.08 -22.34 19.39
CA GLY A 127 37.14 -23.31 19.27
C GLY A 127 38.18 -22.88 18.27
N MET A 128 37.72 -22.38 17.12
CA MET A 128 38.64 -21.92 16.09
C MET A 128 39.46 -20.72 16.57
N TYR A 129 38.84 -19.88 17.39
CA TYR A 129 39.54 -18.71 17.95
C TYR A 129 40.63 -19.17 18.91
N TYR A 130 40.30 -20.17 19.73
CA TYR A 130 41.30 -20.74 20.64
C TYR A 130 42.46 -21.35 19.85
N LEU A 131 42.13 -22.04 18.77
CA LEU A 131 43.17 -22.67 17.94
C LEU A 131 44.04 -21.63 17.26
N GLU A 132 43.46 -20.50 16.88
CA GLU A 132 44.19 -19.46 16.18
C GLU A 132 45.10 -18.67 17.12
N GLU A 133 44.63 -18.44 18.35
CA GLU A 133 45.42 -17.67 19.31
C GLU A 133 46.68 -18.42 19.73
N HIS A 134 46.69 -19.73 19.49
CA HIS A 134 47.87 -20.56 19.79
C HIS A 134 48.62 -20.93 18.51
N GLY A 135 48.35 -20.22 17.43
CA GLY A 135 49.07 -20.41 16.18
C GLY A 135 48.79 -21.72 15.47
N MET A 136 47.75 -22.44 15.91
CA MET A 136 47.40 -23.71 15.30
C MET A 136 46.47 -23.53 14.11
N VAL A 137 46.91 -24.01 12.95
CA VAL A 137 46.10 -23.98 11.75
C VAL A 137 45.39 -25.33 11.58
N HIS A 138 44.09 -25.29 11.32
CA HIS A 138 43.29 -26.50 11.23
C HIS A 138 43.51 -27.26 9.93
N ARG A 139 43.34 -26.55 8.81
CA ARG A 139 43.53 -27.09 7.46
C ARG A 139 42.50 -28.14 7.05
N ASN A 140 41.53 -28.44 7.92
CA ASN A 140 40.46 -29.37 7.57
C ASN A 140 39.21 -29.18 8.42
N LEU A 141 38.68 -27.96 8.43
CA LEU A 141 37.47 -27.68 9.17
C LEU A 141 36.23 -27.97 8.32
N ALA A 142 35.28 -28.69 8.89
CA ALA A 142 34.03 -29.04 8.23
C ALA A 142 32.99 -29.48 9.25
N ALA A 143 31.77 -29.70 8.79
CA ALA A 143 30.70 -30.17 9.67
C ALA A 143 30.97 -31.60 10.11
N ARG A 144 31.62 -32.37 9.25
CA ARG A 144 31.98 -33.75 9.56
C ARG A 144 33.02 -33.81 10.67
N ASN A 145 33.83 -32.76 10.79
CA ASN A 145 34.89 -32.73 11.79
C ASN A 145 34.47 -31.98 13.04
N VAL A 146 33.16 -31.87 13.26
CA VAL A 146 32.63 -31.28 14.47
C VAL A 146 31.79 -32.32 15.21
N LEU A 147 32.23 -32.69 16.41
CA LEU A 147 31.59 -33.77 17.15
C LEU A 147 30.81 -33.26 18.35
N LEU A 148 29.69 -33.90 18.67
CA LEU A 148 28.90 -33.49 19.83
C LEU A 148 29.42 -34.09 21.12
N LYS A 149 29.93 -33.25 22.01
CA LYS A 149 30.29 -33.67 23.36
C LYS A 149 29.01 -33.82 24.18
N SER A 150 28.18 -32.78 24.13
CA SER A 150 26.89 -32.76 24.78
C SER A 150 25.83 -32.48 23.72
N PRO A 151 24.54 -32.70 24.03
CA PRO A 151 23.49 -32.30 23.09
C PRO A 151 23.43 -30.79 22.84
N SER A 152 24.21 -30.02 23.60
CA SER A 152 24.24 -28.57 23.46
C SER A 152 25.65 -28.09 23.16
N GLN A 153 26.62 -28.98 23.34
CA GLN A 153 28.03 -28.65 23.11
C GLN A 153 28.61 -29.34 21.89
N VAL A 154 29.38 -28.60 21.11
CA VAL A 154 30.07 -29.15 19.96
C VAL A 154 31.56 -28.87 20.10
N GLN A 155 32.39 -29.74 19.54
CA GLN A 155 33.83 -29.61 19.63
C GLN A 155 34.48 -29.82 18.27
N VAL A 156 35.53 -29.04 18.02
CA VAL A 156 36.27 -29.12 16.77
C VAL A 156 37.32 -30.23 16.83
N ALA A 157 37.37 -31.05 15.78
CA ALA A 157 38.30 -32.18 15.74
C ALA A 157 39.20 -32.15 14.51
N ASP A 158 40.20 -33.03 14.50
CA ASP A 158 41.10 -33.24 13.36
C ASP A 158 41.92 -32.00 13.00
N PHE A 159 42.28 -31.20 14.00
CA PHE A 159 43.10 -30.02 13.78
C PHE A 159 44.59 -30.34 13.80
N GLY A 160 45.33 -29.75 12.89
CA GLY A 160 46.78 -29.93 12.84
C GLY A 160 47.20 -31.24 12.19
N VAL A 161 46.22 -32.08 11.89
CA VAL A 161 46.45 -33.39 11.27
C VAL A 161 47.05 -33.29 9.86
N ALA A 162 46.61 -32.28 9.12
CA ALA A 162 47.00 -32.13 7.72
C ALA A 162 48.50 -31.95 7.50
N ASP A 163 49.16 -31.20 8.39
CA ASP A 163 50.58 -30.93 8.25
C ASP A 163 51.43 -31.96 8.98
N LEU A 164 50.89 -33.17 9.09
CA LEU A 164 51.65 -34.31 9.58
C LEU A 164 52.11 -35.11 8.36
N LEU A 165 51.46 -34.85 7.24
CA LEU A 165 51.73 -35.56 5.99
C LEU A 165 52.42 -34.61 5.00
N PRO A 166 53.14 -35.17 4.01
CA PRO A 166 53.75 -34.34 2.98
C PRO A 166 52.73 -33.65 2.09
N PRO A 167 53.04 -32.43 1.60
CA PRO A 167 52.12 -31.65 0.76
C PRO A 167 51.82 -32.34 -0.57
N PRO A 180 38.01 -32.59 0.39
CA PRO A 180 38.35 -31.38 1.14
C PRO A 180 38.47 -30.15 0.24
N ILE A 181 38.30 -30.35 -1.06
CA ILE A 181 38.42 -29.25 -2.02
C ILE A 181 37.25 -28.28 -1.90
N LYS A 182 36.13 -28.76 -1.35
CA LYS A 182 34.92 -27.95 -1.25
C LYS A 182 34.87 -27.13 0.03
N TRP A 183 35.85 -27.34 0.92
CA TRP A 183 35.92 -26.58 2.16
C TRP A 183 37.16 -25.70 2.18
N MET A 184 38.03 -25.88 1.19
CA MET A 184 39.26 -25.11 1.09
C MET A 184 39.06 -23.75 0.42
N ALA A 185 39.85 -22.77 0.85
CA ALA A 185 39.86 -21.45 0.22
C ALA A 185 40.60 -21.52 -1.11
N LEU A 186 40.47 -20.47 -1.92
CA LEU A 186 41.07 -20.43 -3.24
C LEU A 186 42.59 -20.52 -3.23
N GLU A 187 43.23 -19.79 -2.32
CA GLU A 187 44.69 -19.80 -2.23
C GLU A 187 45.20 -21.17 -1.84
N SER A 188 44.38 -21.89 -1.08
CA SER A 188 44.73 -23.24 -0.64
C SER A 188 44.66 -24.22 -1.81
N ILE A 189 43.70 -23.97 -2.70
CA ILE A 189 43.54 -24.81 -3.88
C ILE A 189 44.61 -24.54 -4.93
N HIS A 190 44.92 -23.26 -5.13
CA HIS A 190 45.84 -22.85 -6.17
C HIS A 190 47.30 -23.03 -5.79
N PHE A 191 47.65 -22.62 -4.57
CA PHE A 191 49.05 -22.53 -4.19
C PHE A 191 49.41 -23.33 -2.94
N GLY A 192 48.44 -24.08 -2.42
CA GLY A 192 48.66 -24.86 -1.22
C GLY A 192 48.99 -23.98 -0.04
N LYS A 193 48.43 -22.78 -0.04
CA LYS A 193 48.64 -21.83 1.05
C LYS A 193 47.54 -21.97 2.09
N TYR A 194 47.92 -22.30 3.32
CA TYR A 194 46.95 -22.50 4.38
C TYR A 194 47.15 -21.50 5.52
N THR A 195 46.09 -20.77 5.83
CA THR A 195 46.14 -19.72 6.83
C THR A 195 44.95 -19.87 7.76
N HIS A 196 44.94 -19.11 8.86
CA HIS A 196 43.77 -19.02 9.71
C HIS A 196 42.56 -18.47 8.94
N GLN A 197 42.85 -17.65 7.93
CA GLN A 197 41.79 -17.08 7.10
C GLN A 197 41.19 -18.13 6.16
N SER A 198 42.00 -19.12 5.81
CA SER A 198 41.49 -20.25 5.04
C SER A 198 40.58 -21.05 5.96
N ASP A 199 40.89 -21.04 7.25
CA ASP A 199 40.05 -21.68 8.24
C ASP A 199 38.78 -20.86 8.41
N VAL A 200 38.84 -19.58 8.07
CA VAL A 200 37.64 -18.73 8.10
C VAL A 200 36.72 -19.10 6.94
N TRP A 201 37.31 -19.28 5.75
CA TRP A 201 36.57 -19.78 4.60
C TRP A 201 35.87 -21.10 4.96
N SER A 202 36.67 -22.04 5.47
CA SER A 202 36.18 -23.36 5.84
C SER A 202 35.08 -23.25 6.91
N TYR A 203 35.22 -22.27 7.78
CA TYR A 203 34.20 -22.02 8.80
C TYR A 203 32.88 -21.60 8.15
N GLY A 204 32.98 -20.72 7.16
CA GLY A 204 31.78 -20.27 6.46
C GLY A 204 31.07 -21.42 5.76
N VAL A 205 31.85 -22.28 5.13
CA VAL A 205 31.26 -23.45 4.46
C VAL A 205 30.64 -24.38 5.49
N THR A 206 31.29 -24.51 6.65
CA THR A 206 30.79 -25.36 7.72
C THR A 206 29.43 -24.88 8.22
N VAL A 207 29.31 -23.57 8.43
CA VAL A 207 28.05 -23.00 8.87
C VAL A 207 26.98 -23.18 7.77
N TRP A 208 27.39 -23.10 6.51
CA TRP A 208 26.47 -23.38 5.41
C TRP A 208 25.93 -24.80 5.53
N GLU A 209 26.83 -25.75 5.81
CA GLU A 209 26.42 -27.14 6.05
C GLU A 209 25.43 -27.24 7.20
N LEU A 210 25.74 -26.53 8.28
CA LEU A 210 24.94 -26.53 9.49
C LEU A 210 23.50 -26.08 9.25
N MET A 211 23.34 -24.90 8.65
CA MET A 211 22.02 -24.29 8.51
C MET A 211 21.23 -24.79 7.31
N THR A 212 21.88 -25.57 6.44
CA THR A 212 21.17 -26.23 5.35
C THR A 212 20.87 -27.67 5.76
N PHE A 213 21.12 -27.97 7.02
CA PHE A 213 20.87 -29.28 7.62
C PHE A 213 21.59 -30.41 6.89
N GLY A 214 22.85 -30.19 6.57
CA GLY A 214 23.69 -31.25 6.04
C GLY A 214 23.66 -31.37 4.52
N ALA A 215 23.46 -30.25 3.85
CA ALA A 215 23.54 -30.23 2.39
C ALA A 215 24.98 -30.36 1.93
N GLU A 216 25.14 -30.93 0.74
CA GLU A 216 26.42 -31.15 0.12
C GLU A 216 26.82 -29.94 -0.70
N PRO A 217 27.91 -29.26 -0.30
CA PRO A 217 28.38 -28.09 -1.04
C PRO A 217 28.64 -28.42 -2.50
N TYR A 218 28.11 -27.61 -3.41
CA TYR A 218 28.32 -27.78 -4.84
C TYR A 218 27.94 -29.20 -5.28
N ALA A 219 26.70 -29.58 -5.03
CA ALA A 219 26.25 -30.95 -5.29
C ALA A 219 26.31 -31.32 -6.77
N GLY A 220 25.58 -30.57 -7.59
CA GLY A 220 25.51 -30.85 -9.01
C GLY A 220 26.85 -30.72 -9.72
N LEU A 221 27.73 -29.91 -9.15
CA LEU A 221 29.04 -29.66 -9.73
C LEU A 221 30.01 -30.80 -9.47
N ARG A 222 31.09 -30.84 -10.24
CA ARG A 222 32.18 -31.77 -9.95
C ARG A 222 33.40 -30.98 -9.55
N LEU A 223 34.29 -31.67 -8.83
CA LEU A 223 35.49 -31.08 -8.28
C LEU A 223 36.37 -30.42 -9.32
N ALA A 224 36.40 -31.00 -10.53
CA ALA A 224 37.37 -30.68 -11.57
C ALA A 224 37.67 -29.20 -11.68
N GLU A 225 36.65 -28.36 -11.56
CA GLU A 225 36.91 -26.95 -11.33
C GLU A 225 35.80 -26.22 -10.61
N VAL A 226 35.55 -26.69 -9.39
CA VAL A 226 34.89 -25.87 -8.40
C VAL A 226 35.68 -24.54 -8.25
N PRO A 227 37.04 -24.59 -8.26
CA PRO A 227 37.82 -23.36 -8.16
C PRO A 227 37.56 -22.33 -9.26
N ASP A 228 37.30 -22.80 -10.49
CA ASP A 228 36.99 -21.88 -11.58
C ASP A 228 35.81 -21.02 -11.22
N LEU A 229 34.76 -21.70 -10.75
CA LEU A 229 33.49 -21.06 -10.46
C LEU A 229 33.62 -20.07 -9.31
N LEU A 230 34.41 -20.44 -8.31
CA LEU A 230 34.68 -19.56 -7.18
C LEU A 230 35.38 -18.31 -7.66
N GLU A 231 36.17 -18.44 -8.72
CA GLU A 231 36.90 -17.31 -9.26
C GLU A 231 35.98 -16.50 -10.20
N LYS A 232 34.93 -17.14 -10.68
CA LYS A 232 34.00 -16.48 -11.58
C LYS A 232 32.99 -15.63 -10.80
N GLY A 233 32.91 -15.84 -9.50
CA GLY A 233 32.09 -14.99 -8.66
C GLY A 233 30.96 -15.71 -7.95
N GLU A 234 30.86 -17.01 -8.16
CA GLU A 234 29.80 -17.80 -7.55
C GLU A 234 30.18 -18.34 -6.18
N ARG A 235 29.20 -18.40 -5.29
CA ARG A 235 29.38 -18.94 -3.95
C ARG A 235 28.29 -19.95 -3.66
N LEU A 236 28.23 -20.43 -2.43
CA LEU A 236 27.14 -21.31 -2.02
C LEU A 236 25.89 -20.46 -1.84
N ALA A 237 24.77 -20.94 -2.38
CA ALA A 237 23.53 -20.17 -2.41
C ALA A 237 23.01 -19.90 -1.00
N GLN A 238 22.11 -18.91 -0.90
CA GLN A 238 21.53 -18.54 0.37
C GLN A 238 20.62 -19.63 0.92
N PRO A 239 20.92 -20.11 2.13
CA PRO A 239 20.11 -21.14 2.80
C PRO A 239 18.67 -20.69 3.05
N GLN A 240 17.76 -21.62 2.83
CA GLN A 240 16.33 -21.40 2.91
C GLN A 240 15.83 -20.90 4.27
N ILE A 241 16.56 -21.21 5.33
CA ILE A 241 16.19 -20.73 6.66
C ILE A 241 16.98 -19.49 7.05
N CYS A 242 17.95 -19.12 6.21
CA CYS A 242 18.84 -18.01 6.51
C CYS A 242 18.33 -16.64 6.10
N THR A 243 18.30 -15.72 7.05
CA THR A 243 18.05 -14.31 6.76
C THR A 243 19.25 -13.75 6.00
N ILE A 244 19.06 -12.58 5.40
CA ILE A 244 20.16 -11.94 4.67
C ILE A 244 21.31 -11.61 5.64
N ASP A 245 20.95 -11.32 6.89
CA ASP A 245 21.93 -10.98 7.92
C ASP A 245 22.92 -12.11 8.16
N VAL A 246 22.41 -13.34 8.23
CA VAL A 246 23.25 -14.50 8.51
C VAL A 246 24.05 -14.92 7.29
N TYR A 247 23.44 -14.78 6.11
CA TYR A 247 24.10 -15.19 4.87
C TYR A 247 25.22 -14.23 4.49
N MET A 248 25.08 -12.98 4.91
CA MET A 248 26.12 -11.99 4.64
C MET A 248 27.44 -12.39 5.30
N VAL A 249 27.35 -13.02 6.46
CA VAL A 249 28.53 -13.45 7.20
C VAL A 249 29.29 -14.52 6.42
N MET A 250 28.58 -15.55 5.96
CA MET A 250 29.14 -16.62 5.15
C MET A 250 29.77 -16.04 3.87
N VAL A 251 29.08 -15.03 3.32
CA VAL A 251 29.55 -14.36 2.13
C VAL A 251 30.90 -13.72 2.38
N LYS A 252 31.03 -13.00 3.49
CA LYS A 252 32.28 -12.35 3.83
C LYS A 252 33.37 -13.37 4.15
N CYS A 253 32.95 -14.53 4.62
CA CYS A 253 33.91 -15.59 4.91
C CYS A 253 34.48 -16.13 3.60
N TRP A 254 33.72 -15.99 2.52
CA TRP A 254 34.15 -16.57 1.25
C TRP A 254 34.80 -15.56 0.31
N MET A 255 35.28 -14.46 0.86
CA MET A 255 35.98 -13.44 0.08
C MET A 255 37.35 -13.93 -0.41
N ILE A 256 37.70 -13.55 -1.64
CA ILE A 256 38.97 -13.95 -2.24
C ILE A 256 40.17 -13.28 -1.56
N ASP A 257 40.07 -11.98 -1.34
CA ASP A 257 41.12 -11.23 -0.66
C ASP A 257 41.14 -11.67 0.81
N GLU A 258 42.31 -12.11 1.27
CA GLU A 258 42.44 -12.83 2.53
C GLU A 258 42.09 -12.02 3.78
N ASN A 259 42.52 -10.76 3.85
CA ASN A 259 42.22 -9.92 5.01
C ASN A 259 41.00 -9.05 4.71
N ILE A 260 40.10 -9.57 3.90
CA ILE A 260 38.79 -8.96 3.81
C ILE A 260 37.89 -9.85 4.68
N ARG A 261 38.21 -11.13 4.68
CA ARG A 261 37.52 -12.13 5.48
C ARG A 261 37.50 -11.78 6.96
N PRO A 262 36.41 -12.16 7.65
CA PRO A 262 36.27 -11.88 9.09
C PRO A 262 37.28 -12.65 9.94
N THR A 263 37.52 -12.18 11.15
CA THR A 263 38.34 -12.91 12.10
C THR A 263 37.41 -13.74 12.97
N PHE A 264 37.94 -14.80 13.59
CA PHE A 264 37.11 -15.72 14.36
C PHE A 264 36.43 -15.09 15.56
N LYS A 265 37.04 -14.06 16.14
CA LYS A 265 36.42 -13.39 17.27
C LYS A 265 35.24 -12.54 16.81
N GLU A 266 35.41 -11.85 15.69
CA GLU A 266 34.34 -11.06 15.10
C GLU A 266 33.17 -12.01 14.77
N LEU A 267 33.50 -13.18 14.25
CA LEU A 267 32.52 -14.20 13.91
C LEU A 267 31.76 -14.67 15.14
N ALA A 268 32.51 -14.97 16.19
CA ALA A 268 31.93 -15.43 17.45
C ALA A 268 31.03 -14.37 18.06
N ASN A 269 31.48 -13.13 18.03
CA ASN A 269 30.72 -12.02 18.57
C ASN A 269 29.44 -11.77 17.81
N GLU A 270 29.48 -11.86 16.48
CA GLU A 270 28.28 -11.56 15.71
C GLU A 270 27.28 -12.72 15.77
N PHE A 271 27.78 -13.95 15.84
CA PHE A 271 26.89 -15.08 16.05
C PHE A 271 26.34 -15.06 17.47
N THR A 272 27.04 -14.39 18.38
CA THR A 272 26.54 -14.20 19.73
C THR A 272 25.40 -13.18 19.72
N ARG A 273 25.61 -12.08 19.01
CA ARG A 273 24.58 -11.05 18.88
C ARG A 273 23.34 -11.62 18.23
N MET A 274 23.53 -12.50 17.25
CA MET A 274 22.40 -13.17 16.64
C MET A 274 21.77 -14.18 17.60
N ALA A 275 22.60 -14.79 18.44
CA ALA A 275 22.11 -15.76 19.41
C ALA A 275 21.26 -15.07 20.47
N ARG A 276 21.43 -13.76 20.60
CA ARG A 276 20.58 -12.98 21.50
C ARG A 276 19.13 -12.91 21.02
N ASP A 277 18.91 -13.04 19.72
CA ASP A 277 17.55 -13.01 19.17
C ASP A 277 17.39 -13.97 18.00
N PRO A 278 17.36 -15.28 18.29
CA PRO A 278 17.33 -16.35 17.28
C PRO A 278 16.23 -16.26 16.20
N PRO A 279 14.96 -15.96 16.57
CA PRO A 279 13.97 -16.01 15.50
C PRO A 279 14.08 -14.85 14.49
N ARG A 280 14.85 -13.83 14.85
CA ARG A 280 15.01 -12.67 13.98
C ARG A 280 16.02 -12.97 12.87
N TYR A 281 16.82 -14.02 13.05
CA TYR A 281 17.87 -14.33 12.10
C TYR A 281 17.72 -15.69 11.44
N LEU A 282 16.93 -16.58 12.05
CA LEU A 282 16.65 -17.89 11.44
C LEU A 282 15.15 -18.15 11.40
N VAL A 283 14.64 -18.51 10.23
CA VAL A 283 13.21 -18.76 10.08
C VAL A 283 12.90 -20.22 9.78
N ILE A 284 12.51 -20.97 10.81
CA ILE A 284 12.13 -22.36 10.65
C ILE A 284 10.70 -22.56 11.15
N LYS A 285 9.90 -23.32 10.41
CA LYS A 285 8.52 -23.57 10.82
C LYS A 285 8.20 -25.06 10.80
N LEU B 11 25.72 -23.30 29.34
CA LEU B 11 24.67 -23.98 28.58
C LEU B 11 24.42 -23.27 27.27
N VAL B 12 23.50 -22.29 27.28
CA VAL B 12 23.28 -21.43 26.13
C VAL B 12 23.10 -20.01 26.63
N GLU B 13 23.45 -19.07 25.77
CA GLU B 13 23.51 -17.66 26.14
C GLU B 13 22.23 -16.85 25.81
N PRO B 14 21.74 -16.05 26.78
CA PRO B 14 20.49 -15.29 26.93
C PRO B 14 19.51 -15.12 25.75
N LEU B 15 18.26 -15.44 26.05
CA LEU B 15 17.11 -15.27 25.17
C LEU B 15 16.87 -13.83 24.67
N THR B 16 17.07 -12.85 25.56
CA THR B 16 16.91 -11.41 25.32
C THR B 16 16.23 -11.05 24.00
N PRO B 17 14.90 -11.22 23.92
CA PRO B 17 14.19 -11.02 22.66
C PRO B 17 13.84 -9.57 22.36
N SER B 18 13.88 -9.21 21.08
CA SER B 18 13.42 -7.90 20.63
C SER B 18 12.17 -8.03 19.78
N GLY B 19 11.79 -9.26 19.47
CA GLY B 19 10.67 -9.51 18.58
C GLY B 19 11.10 -9.06 17.20
N GLU B 20 10.22 -8.31 16.52
CA GLU B 20 10.51 -7.71 15.22
C GLU B 20 10.73 -8.74 14.10
N ALA B 21 10.45 -8.33 12.86
CA ALA B 21 10.48 -9.23 11.73
C ALA B 21 11.88 -9.44 11.16
N PRO B 22 12.18 -10.68 10.75
CA PRO B 22 13.45 -11.06 10.13
C PRO B 22 13.56 -10.53 8.71
N ASN B 23 14.75 -10.12 8.29
CA ASN B 23 14.95 -9.71 6.91
C ASN B 23 15.26 -10.92 6.05
N GLN B 24 14.28 -11.39 5.29
CA GLN B 24 14.48 -12.58 4.46
C GLN B 24 14.63 -12.20 2.99
N ALA B 25 15.25 -11.05 2.76
CA ALA B 25 15.63 -10.65 1.41
C ALA B 25 16.60 -11.67 0.83
N LEU B 26 16.38 -12.04 -0.43
CA LEU B 26 17.26 -13.00 -1.10
C LEU B 26 18.39 -12.29 -1.84
N LEU B 27 19.62 -12.69 -1.53
CA LEU B 27 20.78 -12.13 -2.19
C LEU B 27 21.31 -13.14 -3.20
N ARG B 28 20.81 -13.06 -4.43
CA ARG B 28 21.23 -13.99 -5.46
C ARG B 28 22.65 -13.68 -5.89
N ILE B 29 23.48 -14.71 -5.96
CA ILE B 29 24.86 -14.53 -6.38
C ILE B 29 25.04 -14.95 -7.84
N LEU B 30 25.66 -14.08 -8.62
CA LEU B 30 25.89 -14.35 -10.03
C LEU B 30 27.37 -14.44 -10.32
N LYS B 31 27.73 -15.17 -11.37
CA LYS B 31 29.12 -15.25 -11.80
C LYS B 31 29.39 -14.21 -12.87
N GLU B 32 30.67 -13.87 -13.05
CA GLU B 32 31.06 -12.82 -13.98
C GLU B 32 30.72 -13.18 -15.43
N THR B 33 30.62 -14.47 -15.73
CA THR B 33 30.38 -14.90 -17.10
C THR B 33 28.89 -14.91 -17.45
N GLU B 34 28.04 -14.54 -16.49
CA GLU B 34 26.60 -14.50 -16.73
C GLU B 34 26.15 -13.13 -17.24
N PHE B 35 27.02 -12.13 -17.13
CA PHE B 35 26.68 -10.78 -17.58
C PHE B 35 27.85 -10.17 -18.33
N LYS B 36 27.54 -9.36 -19.34
CA LYS B 36 28.56 -8.79 -20.21
C LYS B 36 28.72 -7.30 -19.90
N LYS B 37 29.86 -6.71 -20.24
CA LYS B 37 30.02 -5.26 -20.11
C LYS B 37 30.05 -4.62 -21.51
N ILE B 38 29.21 -3.61 -21.71
CA ILE B 38 29.09 -2.98 -23.01
C ILE B 38 29.84 -1.65 -23.08
N LYS B 39 29.47 -0.72 -22.19
CA LYS B 39 30.13 0.57 -22.13
C LYS B 39 30.03 1.17 -20.74
N VAL B 40 30.77 2.26 -20.52
CA VAL B 40 30.82 2.92 -19.22
C VAL B 40 29.72 3.96 -19.09
N LEU B 41 29.02 3.92 -17.96
CA LEU B 41 28.01 4.93 -17.66
C LEU B 41 28.55 5.93 -16.64
N GLY B 42 29.43 5.46 -15.76
CA GLY B 42 30.01 6.32 -14.76
C GLY B 42 31.41 5.91 -14.34
N SER B 43 32.23 6.86 -13.93
CA SER B 43 33.59 6.57 -13.50
C SER B 43 34.01 7.47 -12.34
N GLY B 44 34.90 6.96 -11.49
CA GLY B 44 35.40 7.74 -10.37
C GLY B 44 36.26 6.91 -9.42
N ALA B 45 36.55 7.46 -8.25
CA ALA B 45 37.37 6.77 -7.25
C ALA B 45 36.59 5.66 -6.56
N PHE B 46 35.26 5.74 -6.66
CA PHE B 46 34.39 4.70 -6.11
C PHE B 46 34.59 3.40 -6.88
N GLY B 47 34.84 3.53 -8.18
CA GLY B 47 34.97 2.39 -9.06
C GLY B 47 34.52 2.76 -10.46
N THR B 48 33.59 1.99 -11.01
CA THR B 48 33.05 2.24 -12.34
C THR B 48 31.67 1.62 -12.50
N VAL B 49 30.73 2.41 -13.02
CA VAL B 49 29.41 1.89 -13.38
C VAL B 49 29.34 1.60 -14.87
N TYR B 50 29.09 0.33 -15.19
CA TYR B 50 29.04 -0.13 -16.58
C TYR B 50 27.61 -0.38 -17.04
N LYS B 51 27.43 -0.41 -18.36
CA LYS B 51 26.19 -0.87 -18.97
C LYS B 51 26.42 -2.25 -19.56
N GLY B 52 25.47 -3.16 -19.42
CA GLY B 52 25.69 -4.51 -19.94
C GLY B 52 24.47 -5.41 -20.03
N LEU B 53 24.69 -6.61 -20.55
CA LEU B 53 23.62 -7.58 -20.71
C LEU B 53 23.76 -8.76 -19.75
N TRP B 54 22.75 -8.94 -18.91
CA TRP B 54 22.69 -10.10 -18.03
C TRP B 54 21.96 -11.25 -18.72
N ILE B 55 22.66 -12.39 -18.79
CA ILE B 55 22.14 -13.64 -19.32
C ILE B 55 22.11 -14.69 -18.22
N PRO B 56 20.93 -14.93 -17.64
CA PRO B 56 20.75 -15.84 -16.50
C PRO B 56 21.06 -17.30 -16.83
N GLU B 57 21.16 -18.14 -15.79
CA GLU B 57 21.48 -19.56 -15.97
C GLU B 57 20.24 -20.39 -16.29
N GLY B 58 20.13 -20.83 -17.54
CA GLY B 58 19.05 -21.67 -17.99
C GLY B 58 17.84 -20.85 -18.37
N GLU B 59 17.66 -19.72 -17.68
CA GLU B 59 16.63 -18.75 -18.01
C GLU B 59 17.21 -17.79 -19.04
N LYS B 60 16.47 -17.55 -20.12
CA LYS B 60 17.00 -16.68 -21.17
C LYS B 60 16.03 -15.59 -21.58
N VAL B 61 15.99 -14.54 -20.76
CA VAL B 61 15.51 -13.24 -21.20
C VAL B 61 16.73 -12.36 -21.01
N LYS B 62 16.95 -11.40 -21.88
CA LYS B 62 18.20 -10.67 -21.78
C LYS B 62 17.97 -9.34 -21.10
N ILE B 63 18.63 -9.19 -19.96
CA ILE B 63 18.30 -8.09 -19.07
C ILE B 63 19.34 -6.99 -19.14
N PRO B 64 18.97 -5.86 -19.72
CA PRO B 64 19.84 -4.67 -19.69
C PRO B 64 20.06 -4.29 -18.23
N VAL B 65 21.32 -4.28 -17.82
CA VAL B 65 21.66 -4.02 -16.43
C VAL B 65 22.77 -2.99 -16.30
N ALA B 66 22.79 -2.34 -15.13
CA ALA B 66 23.93 -1.53 -14.73
C ALA B 66 24.79 -2.35 -13.78
N ILE B 67 26.08 -2.33 -14.05
CA ILE B 67 27.04 -3.11 -13.27
C ILE B 67 27.99 -2.17 -12.53
N LYS B 68 27.69 -1.93 -11.26
CA LYS B 68 28.52 -1.07 -10.43
C LYS B 68 29.64 -1.88 -9.80
N GLU B 69 30.84 -1.75 -10.35
CA GLU B 69 32.00 -2.50 -9.85
C GLU B 69 32.95 -1.58 -9.12
N LEU B 70 33.37 -1.99 -7.93
CA LEU B 70 34.13 -1.11 -7.04
C LEU B 70 35.52 -1.63 -6.69
N ARG B 71 36.45 -0.68 -6.59
CA ARG B 71 37.84 -0.95 -6.27
C ARG B 71 37.93 -1.83 -5.01
N GLU B 72 38.86 -2.78 -5.01
CA GLU B 72 38.91 -3.79 -3.95
C GLU B 72 39.13 -3.13 -2.59
N ALA B 73 38.68 -3.81 -1.54
CA ALA B 73 38.59 -3.16 -0.23
C ALA B 73 39.93 -2.94 0.46
N THR B 74 40.06 -1.72 1.00
CA THR B 74 41.23 -1.30 1.78
C THR B 74 41.32 -1.96 3.14
N SER B 75 40.18 -2.10 3.81
CA SER B 75 40.11 -2.46 5.23
C SER B 75 39.18 -3.66 5.41
N PRO B 76 39.19 -4.27 6.60
CA PRO B 76 38.26 -5.40 6.77
C PRO B 76 36.79 -5.07 6.56
N LYS B 77 36.33 -3.86 6.92
CA LYS B 77 34.95 -3.44 6.65
C LYS B 77 34.90 -2.25 5.68
N ALA B 78 36.04 -1.80 5.15
CA ALA B 78 36.02 -0.92 3.97
C ALA B 78 35.18 -1.68 2.97
N ASN B 79 35.41 -2.99 2.93
CA ASN B 79 34.56 -3.90 2.18
C ASN B 79 33.07 -3.91 2.50
N LYS B 80 32.76 -4.07 3.78
CA LYS B 80 31.36 -4.23 4.11
C LYS B 80 30.48 -2.95 4.12
N GLU B 81 30.99 -1.72 4.04
CA GLU B 81 30.04 -0.63 3.70
C GLU B 81 29.50 -0.89 2.25
N ILE B 82 30.32 -1.52 1.43
CA ILE B 82 29.88 -1.95 0.10
C ILE B 82 28.85 -3.04 0.32
N LEU B 83 29.17 -3.93 1.24
CA LEU B 83 28.26 -5.01 1.55
C LEU B 83 26.94 -4.53 2.20
N ASP B 84 27.01 -3.41 2.91
CA ASP B 84 25.83 -2.82 3.55
C ASP B 84 24.99 -2.17 2.49
N GLU B 85 25.66 -1.56 1.52
CA GLU B 85 24.97 -1.02 0.36
C GLU B 85 24.20 -2.13 -0.35
N ALA B 86 24.86 -3.27 -0.56
CA ALA B 86 24.22 -4.42 -1.19
C ALA B 86 23.06 -4.96 -0.33
N TYR B 87 23.27 -4.93 0.98
CA TYR B 87 22.26 -5.36 1.96
C TYR B 87 20.98 -4.54 1.78
N VAL B 88 21.15 -3.23 1.76
CA VAL B 88 20.02 -2.31 1.62
C VAL B 88 19.34 -2.46 0.27
N MET B 89 20.13 -2.52 -0.80
CA MET B 89 19.56 -2.65 -2.14
C MET B 89 18.86 -3.98 -2.35
N ALA B 90 19.19 -4.96 -1.51
CA ALA B 90 18.53 -6.27 -1.58
C ALA B 90 17.30 -6.29 -0.70
N SER B 91 17.29 -5.44 0.33
CA SER B 91 16.18 -5.39 1.27
C SER B 91 14.97 -4.60 0.77
N VAL B 92 15.21 -3.54 0.02
CA VAL B 92 14.12 -2.67 -0.43
C VAL B 92 13.32 -3.30 -1.57
N ASP B 93 12.03 -2.98 -1.61
CA ASP B 93 11.16 -3.38 -2.71
C ASP B 93 10.13 -2.30 -2.95
N ASN B 94 10.29 -1.58 -4.06
CA ASN B 94 9.40 -0.47 -4.37
C ASN B 94 9.49 -0.08 -5.84
N PRO B 95 8.34 0.26 -6.45
CA PRO B 95 8.30 0.77 -7.82
C PRO B 95 9.18 2.00 -8.03
N HIS B 96 9.41 2.78 -6.96
CA HIS B 96 10.19 4.00 -7.08
C HIS B 96 11.54 3.91 -6.36
N VAL B 97 12.00 2.68 -6.16
CA VAL B 97 13.35 2.45 -5.63
C VAL B 97 14.00 1.31 -6.40
N CYS B 98 15.20 1.55 -6.92
CA CYS B 98 15.89 0.55 -7.73
C CYS B 98 16.42 -0.59 -6.87
N ARG B 99 16.01 -1.80 -7.22
CA ARG B 99 16.32 -3.00 -6.42
C ARG B 99 17.50 -3.78 -6.98
N LEU B 100 18.29 -4.35 -6.09
CA LEU B 100 19.41 -5.20 -6.48
C LEU B 100 18.91 -6.49 -7.12
N LEU B 101 19.56 -6.88 -8.22
CA LEU B 101 19.24 -8.13 -8.90
C LEU B 101 20.26 -9.20 -8.54
N GLY B 102 21.36 -8.78 -7.92
CA GLY B 102 22.40 -9.70 -7.50
C GLY B 102 23.79 -9.12 -7.51
N ILE B 103 24.74 -9.84 -6.92
CA ILE B 103 26.13 -9.39 -6.88
C ILE B 103 27.09 -10.45 -7.40
N CYS B 104 28.25 -10.00 -7.87
CA CYS B 104 29.32 -10.91 -8.28
C CYS B 104 30.51 -10.76 -7.34
N LEU B 105 30.79 -11.83 -6.59
CA LEU B 105 31.85 -11.78 -5.59
C LEU B 105 33.17 -12.30 -6.14
N THR B 106 34.08 -11.38 -6.43
CA THR B 106 35.42 -11.75 -6.88
C THR B 106 36.41 -10.78 -6.26
N SER B 107 37.54 -10.56 -6.93
CA SER B 107 38.54 -9.63 -6.43
C SER B 107 37.96 -8.23 -6.25
N THR B 108 37.00 -7.89 -7.10
CA THR B 108 36.24 -6.66 -6.97
C THR B 108 34.75 -6.96 -6.91
N VAL B 109 34.05 -6.41 -5.92
CA VAL B 109 32.62 -6.69 -5.76
C VAL B 109 31.81 -5.92 -6.80
N GLN B 110 30.89 -6.61 -7.47
CA GLN B 110 30.08 -6.01 -8.52
C GLN B 110 28.58 -6.09 -8.23
N LEU B 111 27.99 -4.93 -7.95
CA LEU B 111 26.55 -4.83 -7.74
C LEU B 111 25.85 -4.81 -9.09
N ILE B 112 24.74 -5.52 -9.20
CA ILE B 112 24.00 -5.57 -10.47
C ILE B 112 22.57 -5.09 -10.30
N THR B 113 22.21 -4.03 -11.01
CA THR B 113 20.84 -3.51 -10.95
C THR B 113 20.24 -3.47 -12.35
N GLN B 114 18.92 -3.27 -12.44
CA GLN B 114 18.28 -3.13 -13.75
C GLN B 114 18.66 -1.81 -14.39
N LEU B 115 18.96 -1.84 -15.69
CA LEU B 115 19.37 -0.64 -16.41
C LEU B 115 18.21 0.33 -16.60
N MET B 116 18.49 1.62 -16.43
CA MET B 116 17.53 2.67 -16.73
C MET B 116 18.04 3.41 -17.96
N PRO B 117 17.35 3.25 -19.10
CA PRO B 117 17.77 3.75 -20.42
C PRO B 117 18.16 5.23 -20.44
N PHE B 118 17.44 6.07 -19.69
CA PHE B 118 17.68 7.50 -19.72
C PHE B 118 18.65 7.92 -18.61
N GLY B 119 19.00 6.96 -17.76
CA GLY B 119 20.02 7.15 -16.74
C GLY B 119 19.73 8.23 -15.71
N CYS B 120 20.75 9.02 -15.40
CA CYS B 120 20.68 10.05 -14.37
C CYS B 120 19.58 11.08 -14.66
N LEU B 121 18.84 11.46 -13.64
CA LEU B 121 17.79 12.47 -13.78
C LEU B 121 18.37 13.87 -13.86
N LEU B 122 19.46 14.10 -13.14
CA LEU B 122 20.13 15.39 -13.15
C LEU B 122 20.62 15.73 -14.56
N ASP B 123 21.09 14.71 -15.27
CA ASP B 123 21.51 14.87 -16.66
C ASP B 123 20.31 15.11 -17.56
N TYR B 124 19.19 14.47 -17.23
CA TYR B 124 17.99 14.50 -18.05
C TYR B 124 17.31 15.86 -18.00
N VAL B 125 17.23 16.46 -16.82
CA VAL B 125 16.61 17.77 -16.67
C VAL B 125 17.51 18.88 -17.22
N ARG B 126 18.72 18.50 -17.61
CA ARG B 126 19.65 19.43 -18.22
C ARG B 126 19.57 19.35 -19.74
N GLU B 127 19.73 18.14 -20.25
CA GLU B 127 19.71 17.90 -21.70
C GLU B 127 18.38 18.28 -22.34
N HIS B 128 17.29 17.93 -21.67
CA HIS B 128 15.95 18.15 -22.20
C HIS B 128 15.31 19.40 -21.61
N LYS B 129 16.14 20.42 -21.39
CA LYS B 129 15.73 21.63 -20.68
C LYS B 129 14.42 22.25 -21.16
N ASP B 130 14.16 22.22 -22.47
CA ASP B 130 12.99 22.92 -22.97
C ASP B 130 12.02 21.97 -23.69
N ASN B 131 11.92 20.74 -23.17
CA ASN B 131 10.89 19.79 -23.59
C ASN B 131 10.14 19.24 -22.39
N ILE B 132 10.61 19.62 -21.20
CA ILE B 132 10.00 19.17 -19.96
C ILE B 132 8.87 20.09 -19.58
N GLY B 133 7.70 19.50 -19.35
CA GLY B 133 6.57 20.27 -18.93
C GLY B 133 6.30 20.24 -17.44
N SER B 134 5.22 20.91 -17.10
CA SER B 134 4.65 20.99 -15.76
C SER B 134 4.47 19.60 -15.10
N GLN B 135 3.68 18.80 -15.83
CA GLN B 135 3.08 17.57 -15.36
C GLN B 135 4.12 16.45 -15.24
N TYR B 136 5.30 16.66 -15.78
CA TYR B 136 6.40 15.71 -15.64
C TYR B 136 7.20 15.99 -14.38
N LEU B 137 7.54 17.25 -14.15
CA LEU B 137 8.27 17.66 -12.96
C LEU B 137 7.48 17.34 -11.69
N LEU B 138 6.19 17.65 -11.72
CA LEU B 138 5.37 17.40 -10.54
C LEU B 138 5.24 15.90 -10.25
N ASN B 139 5.09 15.11 -11.30
CA ASN B 139 5.01 13.66 -11.16
C ASN B 139 6.33 13.08 -10.64
N TRP B 140 7.45 13.64 -11.09
CA TRP B 140 8.76 13.23 -10.60
C TRP B 140 8.87 13.48 -9.10
N CYS B 141 8.46 14.67 -8.69
CA CYS B 141 8.45 15.01 -7.25
C CYS B 141 7.58 14.02 -6.46
N VAL B 142 6.42 13.70 -7.01
CA VAL B 142 5.51 12.75 -6.37
C VAL B 142 6.15 11.38 -6.19
N GLN B 143 6.73 10.86 -7.26
CA GLN B 143 7.33 9.53 -7.24
C GLN B 143 8.52 9.47 -6.28
N ILE B 144 9.32 10.54 -6.24
CA ILE B 144 10.43 10.61 -5.29
C ILE B 144 9.91 10.62 -3.86
N ALA B 145 8.85 11.37 -3.62
CA ALA B 145 8.24 11.43 -2.30
C ALA B 145 7.73 10.06 -1.87
N LYS B 146 7.12 9.33 -2.80
CA LYS B 146 6.62 7.99 -2.53
C LYS B 146 7.75 7.03 -2.18
N GLY B 147 8.81 7.05 -3.00
CA GLY B 147 9.95 6.18 -2.77
C GLY B 147 10.59 6.44 -1.42
N MET B 148 10.81 7.72 -1.11
CA MET B 148 11.41 8.10 0.15
C MET B 148 10.51 7.75 1.33
N ASN B 149 9.20 7.78 1.10
CA ASN B 149 8.25 7.40 2.13
C ASN B 149 8.31 5.90 2.40
N TYR B 150 8.52 5.12 1.34
CA TYR B 150 8.73 3.69 1.51
C TYR B 150 10.02 3.45 2.30
N LEU B 151 11.06 4.20 1.97
CA LEU B 151 12.33 4.09 2.69
C LEU B 151 12.16 4.48 4.16
N GLU B 152 11.20 5.37 4.42
CA GLU B 152 10.92 5.79 5.78
C GLU B 152 10.18 4.69 6.52
N ASP B 153 9.31 3.97 5.80
CA ASP B 153 8.57 2.86 6.39
C ASP B 153 9.48 1.69 6.75
N ARG B 154 10.58 1.53 6.01
CA ARG B 154 11.55 0.46 6.26
C ARG B 154 12.61 0.89 7.27
N ARG B 155 12.43 2.09 7.78
CA ARG B 155 13.24 2.67 8.85
C ARG B 155 14.71 2.88 8.47
N LEU B 156 14.98 2.96 7.17
CA LEU B 156 16.33 3.23 6.68
C LEU B 156 16.41 4.67 6.17
N VAL B 157 17.48 5.37 6.50
CA VAL B 157 17.61 6.75 6.04
C VAL B 157 18.57 6.88 4.85
N HIS B 158 18.08 7.51 3.79
CA HIS B 158 18.85 7.75 2.60
C HIS B 158 19.71 8.98 2.82
N ARG B 159 20.90 8.78 3.38
CA ARG B 159 21.77 9.89 3.76
C ARG B 159 22.43 10.61 2.58
N ASP B 160 21.98 10.32 1.37
CA ASP B 160 22.52 10.98 0.19
C ASP B 160 21.47 11.15 -0.91
N LEU B 161 20.38 11.85 -0.59
CA LEU B 161 19.35 12.13 -1.58
C LEU B 161 19.69 13.37 -2.41
N ALA B 162 19.70 13.18 -3.73
CA ALA B 162 19.98 14.27 -4.67
C ALA B 162 19.54 13.87 -6.07
N ALA B 163 19.57 14.82 -7.00
CA ALA B 163 19.22 14.55 -8.39
C ALA B 163 20.21 13.58 -9.02
N ARG B 164 21.42 13.57 -8.48
CA ARG B 164 22.48 12.66 -8.94
C ARG B 164 22.10 11.20 -8.72
N ASN B 165 21.37 10.94 -7.65
CA ASN B 165 21.02 9.58 -7.26
C ASN B 165 19.57 9.20 -7.61
N VAL B 166 19.01 9.87 -8.61
CA VAL B 166 17.69 9.51 -9.11
C VAL B 166 17.79 9.07 -10.57
N LEU B 167 17.34 7.85 -10.84
CA LEU B 167 17.43 7.29 -12.19
C LEU B 167 16.11 7.39 -12.93
N VAL B 168 16.18 7.31 -14.26
CA VAL B 168 15.01 7.43 -15.10
C VAL B 168 14.78 6.18 -15.94
N LYS B 169 13.73 5.44 -15.62
CA LYS B 169 13.36 4.27 -16.42
C LYS B 169 12.70 4.75 -17.70
N THR B 170 11.62 5.50 -17.53
CA THR B 170 10.96 6.21 -18.63
C THR B 170 10.72 7.62 -18.14
N PRO B 171 10.45 8.58 -19.05
CA PRO B 171 10.14 9.95 -18.63
C PRO B 171 8.99 10.02 -17.61
N GLN B 172 8.20 8.96 -17.54
CA GLN B 172 7.06 8.91 -16.63
C GLN B 172 7.39 8.13 -15.36
N HIS B 173 8.61 7.61 -15.27
CA HIS B 173 8.97 6.75 -14.14
C HIS B 173 10.43 6.91 -13.68
N VAL B 174 10.61 7.31 -12.44
CA VAL B 174 11.96 7.48 -11.87
C VAL B 174 12.14 6.61 -10.63
N LYS B 175 13.39 6.39 -10.24
CA LYS B 175 13.71 5.59 -9.06
C LYS B 175 14.85 6.20 -8.26
N ILE B 176 15.10 5.63 -7.07
CA ILE B 176 16.16 6.12 -6.19
C ILE B 176 17.25 5.05 -6.02
N THR B 177 18.49 5.50 -5.82
CA THR B 177 19.63 4.58 -5.72
C THR B 177 20.72 5.01 -4.73
N ASP B 178 21.96 4.78 -5.15
CA ASP B 178 23.14 4.92 -4.30
C ASP B 178 23.08 3.98 -3.09
N PHE B 179 22.59 4.50 -1.97
CA PHE B 179 22.52 3.76 -0.71
C PHE B 179 23.91 3.48 -0.14
N GLY B 180 24.92 4.19 -0.63
CA GLY B 180 26.28 4.01 -0.16
C GLY B 180 26.50 4.57 1.22
N LEU B 181 25.68 5.54 1.60
CA LEU B 181 25.78 6.16 2.91
C LEU B 181 24.55 5.83 3.76
N ALA B 182 23.61 5.10 3.16
CA ALA B 182 22.35 4.77 3.82
C ALA B 182 22.60 3.95 5.08
N LYS B 183 21.86 4.26 6.13
CA LYS B 183 21.98 3.55 7.40
C LYS B 183 20.59 3.13 7.90
N LEU B 184 20.52 1.94 8.47
CA LEU B 184 19.24 1.41 8.96
C LEU B 184 19.04 1.73 10.44
N LEU B 185 17.90 2.35 10.75
CA LEU B 185 17.55 2.67 12.13
C LEU B 185 16.85 1.49 12.76
N GLY B 186 17.27 1.10 13.97
CA GLY B 186 16.59 0.06 14.72
C GLY B 186 15.33 0.63 15.33
N ALA B 187 14.43 -0.22 15.85
CA ALA B 187 13.23 0.26 16.54
C ALA B 187 13.64 1.06 17.76
N GLU B 188 14.79 0.67 18.30
CA GLU B 188 15.53 1.46 19.28
C GLU B 188 15.69 2.93 18.88
N GLU B 189 16.46 3.14 17.81
CA GLU B 189 16.95 4.46 17.46
C GLU B 189 15.92 5.35 16.76
N LYS B 190 16.11 6.66 16.92
CA LYS B 190 15.27 7.66 16.27
C LYS B 190 16.17 8.60 15.49
N GLU B 191 17.44 8.60 15.86
CA GLU B 191 18.47 9.38 15.20
C GLU B 191 19.56 8.46 14.71
N TYR B 192 20.31 8.91 13.70
CA TYR B 192 21.56 8.24 13.37
C TYR B 192 22.66 9.29 13.48
N HIS B 193 23.67 8.99 14.30
CA HIS B 193 24.79 9.90 14.47
C HIS B 193 26.08 9.33 13.90
N ALA B 194 26.63 10.01 12.91
CA ALA B 194 27.90 9.61 12.30
C ALA B 194 29.03 10.55 12.71
N VAL B 199 30.64 13.49 2.89
CA VAL B 199 29.21 13.77 2.81
C VAL B 199 28.93 15.11 2.14
N PRO B 200 27.99 15.12 1.18
CA PRO B 200 27.60 16.33 0.42
C PRO B 200 26.98 17.41 1.29
N ILE B 201 27.73 18.48 1.56
CA ILE B 201 27.27 19.50 2.50
C ILE B 201 26.07 20.29 1.96
N LYS B 202 26.04 20.52 0.66
CA LYS B 202 25.02 21.36 0.06
C LYS B 202 23.66 20.67 -0.10
N TRP B 203 23.58 19.41 0.32
CA TRP B 203 22.32 18.69 0.31
C TRP B 203 21.86 18.27 1.70
N MET B 204 22.75 18.36 2.68
CA MET B 204 22.42 17.93 4.03
C MET B 204 21.69 19.01 4.80
N ALA B 205 20.94 18.59 5.81
CA ALA B 205 20.27 19.52 6.71
C ALA B 205 21.29 20.20 7.62
N LEU B 206 20.86 21.24 8.31
CA LEU B 206 21.75 22.01 9.17
C LEU B 206 22.32 21.17 10.30
N GLU B 207 21.46 20.37 10.93
CA GLU B 207 21.87 19.53 12.05
C GLU B 207 22.86 18.45 11.61
N SER B 208 22.78 18.06 10.34
CA SER B 208 23.72 17.08 9.79
C SER B 208 25.11 17.68 9.62
N ILE B 209 25.14 19.01 9.47
CA ILE B 209 26.41 19.71 9.29
C ILE B 209 27.01 20.08 10.64
N LEU B 210 26.15 20.50 11.56
CA LEU B 210 26.61 20.97 12.87
C LEU B 210 26.81 19.83 13.87
N HIS B 211 25.90 18.87 13.88
CA HIS B 211 25.92 17.82 14.89
C HIS B 211 26.00 16.42 14.31
N ARG B 212 26.08 16.33 12.98
CA ARG B 212 26.20 15.05 12.29
C ARG B 212 25.02 14.13 12.58
N ILE B 213 23.87 14.72 12.87
CA ILE B 213 22.66 13.95 13.15
C ILE B 213 21.86 13.72 11.88
N TYR B 214 21.52 12.46 11.61
CA TYR B 214 20.75 12.12 10.42
C TYR B 214 19.41 11.49 10.79
N THR B 215 18.35 12.01 10.17
CA THR B 215 16.99 11.54 10.43
C THR B 215 16.21 11.44 9.12
N HIS B 216 14.94 11.09 9.24
CA HIS B 216 14.05 11.05 8.07
C HIS B 216 13.71 12.46 7.64
N GLN B 217 13.74 13.39 8.59
CA GLN B 217 13.46 14.79 8.30
C GLN B 217 14.68 15.49 7.71
N SER B 218 15.83 14.82 7.75
CA SER B 218 17.04 15.31 7.10
C SER B 218 16.93 15.04 5.59
N ASP B 219 16.38 13.88 5.27
CA ASP B 219 16.13 13.48 3.89
C ASP B 219 15.01 14.34 3.29
N VAL B 220 14.29 15.05 4.15
CA VAL B 220 13.28 16.01 3.70
C VAL B 220 13.96 17.30 3.22
N TRP B 221 15.00 17.72 3.94
CA TRP B 221 15.84 18.84 3.51
C TRP B 221 16.48 18.48 2.18
N SER B 222 17.06 17.29 2.13
CA SER B 222 17.67 16.79 0.92
C SER B 222 16.65 16.73 -0.21
N TYR B 223 15.41 16.38 0.14
CA TYR B 223 14.32 16.31 -0.82
C TYR B 223 14.04 17.69 -1.41
N GLY B 224 14.02 18.70 -0.54
CA GLY B 224 13.81 20.06 -0.96
C GLY B 224 14.88 20.51 -1.93
N VAL B 225 16.13 20.18 -1.62
CA VAL B 225 17.24 20.54 -2.51
C VAL B 225 17.13 19.80 -3.86
N THR B 226 16.67 18.55 -3.82
CA THR B 226 16.47 17.77 -5.03
C THR B 226 15.41 18.41 -5.95
N VAL B 227 14.26 18.70 -5.36
CA VAL B 227 13.18 19.35 -6.09
C VAL B 227 13.66 20.69 -6.64
N TRP B 228 14.50 21.37 -5.88
CA TRP B 228 15.10 22.62 -6.35
C TRP B 228 15.97 22.39 -7.58
N GLU B 229 16.74 21.30 -7.58
CA GLU B 229 17.56 20.96 -8.75
C GLU B 229 16.70 20.66 -9.96
N LEU B 230 15.53 20.07 -9.72
CA LEU B 230 14.64 19.73 -10.83
C LEU B 230 13.95 20.95 -11.41
N MET B 231 13.50 21.86 -10.54
CA MET B 231 12.77 23.04 -10.98
C MET B 231 13.71 24.08 -11.61
N THR B 232 14.99 23.98 -11.30
CA THR B 232 15.98 24.86 -11.91
C THR B 232 16.65 24.18 -13.10
N PHE B 233 16.10 23.02 -13.47
CA PHE B 233 16.56 22.25 -14.62
C PHE B 233 18.03 21.86 -14.55
N GLY B 234 18.48 21.43 -13.37
CA GLY B 234 19.83 20.92 -13.23
C GLY B 234 20.89 21.95 -12.88
N SER B 235 20.47 23.02 -12.20
CA SER B 235 21.42 24.02 -11.73
C SER B 235 22.16 23.51 -10.50
N LYS B 236 23.33 24.08 -10.22
CA LYS B 236 24.12 23.65 -9.07
C LYS B 236 23.77 24.45 -7.82
N PRO B 237 23.46 23.76 -6.72
CA PRO B 237 23.13 24.40 -5.44
C PRO B 237 24.29 25.24 -4.90
N TYR B 238 24.00 26.47 -4.49
CA TYR B 238 24.99 27.35 -3.85
C TYR B 238 26.32 27.47 -4.60
N ASP B 239 26.28 27.48 -5.93
CA ASP B 239 27.54 27.53 -6.69
C ASP B 239 28.24 28.88 -6.49
N GLY B 240 29.55 28.85 -6.40
CA GLY B 240 30.31 30.05 -6.12
C GLY B 240 30.58 30.17 -4.64
N ILE B 241 29.70 29.56 -3.86
CA ILE B 241 29.86 29.53 -2.41
C ILE B 241 30.55 28.23 -2.04
N PRO B 242 31.73 28.33 -1.41
CA PRO B 242 32.43 27.12 -0.98
C PRO B 242 31.66 26.36 0.08
N ALA B 243 31.77 25.04 0.10
CA ALA B 243 31.09 24.22 1.09
C ALA B 243 31.56 24.67 2.46
N SER B 244 32.74 25.29 2.47
CA SER B 244 33.30 25.95 3.63
C SER B 244 32.25 26.80 4.31
N GLU B 245 31.74 26.33 5.45
CA GLU B 245 30.85 27.13 6.27
C GLU B 245 29.66 27.74 5.52
N ILE B 246 29.00 26.94 4.69
CA ILE B 246 27.70 27.33 4.16
C ILE B 246 26.78 27.36 5.38
N SER B 247 27.20 26.61 6.39
CA SER B 247 26.66 26.70 7.74
C SER B 247 26.16 28.07 8.12
N SER B 248 27.04 29.05 8.01
CA SER B 248 26.78 30.38 8.52
C SER B 248 25.68 31.06 7.74
N ILE B 249 25.62 30.82 6.42
CA ILE B 249 24.62 31.49 5.61
C ILE B 249 23.26 30.99 6.12
N LEU B 250 23.18 29.70 6.45
CA LEU B 250 21.93 29.14 6.95
C LEU B 250 21.64 29.74 8.32
N GLU B 251 22.71 30.02 9.06
CA GLU B 251 22.59 30.64 10.36
C GLU B 251 21.95 32.02 10.20
N LYS B 252 22.24 32.68 9.07
CA LYS B 252 21.65 33.98 8.79
C LYS B 252 20.17 33.81 8.46
N GLY B 253 19.83 32.64 7.90
CA GLY B 253 18.48 32.34 7.50
C GLY B 253 18.30 32.38 6.00
N GLU B 254 19.41 32.57 5.28
CA GLU B 254 19.38 32.57 3.82
C GLU B 254 19.35 31.15 3.24
N ARG B 255 18.37 30.93 2.37
CA ARG B 255 18.17 29.64 1.73
C ARG B 255 18.33 29.75 0.22
N LEU B 256 18.04 28.65 -0.47
CA LEU B 256 18.09 28.62 -1.93
C LEU B 256 17.05 29.55 -2.55
N PRO B 257 17.43 30.22 -3.65
CA PRO B 257 16.52 31.15 -4.33
C PRO B 257 15.33 30.44 -4.97
N GLN B 258 14.27 31.20 -5.25
CA GLN B 258 13.08 30.67 -5.89
C GLN B 258 13.31 30.46 -7.39
N PRO B 259 13.15 29.22 -7.88
CA PRO B 259 13.29 28.92 -9.30
C PRO B 259 12.27 29.71 -10.14
N PRO B 260 12.68 30.18 -11.32
CA PRO B 260 11.87 31.04 -12.19
C PRO B 260 10.50 30.44 -12.55
N ILE B 261 10.39 29.13 -12.59
CA ILE B 261 9.15 28.47 -12.99
C ILE B 261 8.23 28.18 -11.80
N CYS B 262 8.77 28.31 -10.60
CA CYS B 262 8.03 27.96 -9.39
C CYS B 262 7.09 29.07 -8.92
N THR B 263 5.90 28.67 -8.46
CA THR B 263 4.97 29.60 -7.83
C THR B 263 5.32 29.79 -6.37
N ILE B 264 4.60 30.68 -5.69
CA ILE B 264 4.89 30.99 -4.30
C ILE B 264 4.50 29.84 -3.38
N ASP B 265 3.69 28.93 -3.89
CA ASP B 265 3.21 27.79 -3.10
C ASP B 265 4.19 26.62 -3.19
N VAL B 266 4.81 26.44 -4.35
CA VAL B 266 5.81 25.40 -4.54
C VAL B 266 7.06 25.76 -3.75
N TYR B 267 7.52 26.99 -3.94
CA TYR B 267 8.68 27.50 -3.24
C TYR B 267 8.41 27.58 -1.73
N MET B 268 7.14 27.55 -1.34
CA MET B 268 6.81 27.51 0.08
C MET B 268 7.13 26.13 0.62
N ILE B 269 6.86 25.10 -0.19
CA ILE B 269 7.17 23.73 0.21
C ILE B 269 8.69 23.54 0.24
N MET B 270 9.37 24.14 -0.73
CA MET B 270 10.83 24.10 -0.71
C MET B 270 11.38 24.75 0.54
N ARG B 271 10.84 25.92 0.87
CA ARG B 271 11.22 26.63 2.08
C ARG B 271 10.84 25.83 3.32
N LYS B 272 9.82 24.98 3.17
CA LYS B 272 9.28 24.17 4.24
C LYS B 272 10.22 23.04 4.59
N CYS B 273 10.90 22.52 3.57
CA CYS B 273 11.85 21.44 3.78
C CYS B 273 13.16 21.91 4.39
N TRP B 274 13.43 23.21 4.30
CA TRP B 274 14.70 23.76 4.77
C TRP B 274 14.56 24.51 6.07
N MET B 275 13.54 24.19 6.85
CA MET B 275 13.36 24.82 8.14
C MET B 275 14.32 24.22 9.16
N ILE B 276 14.80 25.05 10.08
CA ILE B 276 15.78 24.63 11.07
C ILE B 276 15.19 23.56 11.97
N ASP B 277 14.00 23.82 12.51
CA ASP B 277 13.29 22.84 13.33
C ASP B 277 12.89 21.63 12.50
N ALA B 278 13.45 20.47 12.82
CA ALA B 278 13.23 19.26 12.04
C ALA B 278 11.79 18.79 12.07
N ASP B 279 11.09 19.07 13.16
CA ASP B 279 9.70 18.65 13.32
C ASP B 279 8.74 19.61 12.63
N SER B 280 9.21 20.82 12.35
CA SER B 280 8.42 21.81 11.64
C SER B 280 8.39 21.48 10.14
N ARG B 281 9.38 20.72 9.70
CA ARG B 281 9.47 20.31 8.30
C ARG B 281 8.37 19.30 7.95
N PRO B 282 7.94 19.27 6.68
CA PRO B 282 6.91 18.33 6.24
C PRO B 282 7.36 16.88 6.30
N LYS B 283 6.41 15.96 6.17
CA LYS B 283 6.72 14.54 6.11
C LYS B 283 6.52 14.06 4.68
N PHE B 284 7.09 12.91 4.34
CA PHE B 284 7.02 12.44 2.96
C PHE B 284 5.59 12.14 2.54
N ARG B 285 4.79 11.64 3.46
CA ARG B 285 3.36 11.40 3.23
C ARG B 285 2.67 12.70 2.78
N GLU B 286 2.85 13.73 3.60
CA GLU B 286 2.34 15.06 3.30
C GLU B 286 2.79 15.55 1.92
N LEU B 287 4.08 15.37 1.63
CA LEU B 287 4.64 15.81 0.35
C LEU B 287 3.98 15.10 -0.82
N ILE B 288 3.72 13.80 -0.65
CA ILE B 288 2.99 13.03 -1.66
C ILE B 288 1.64 13.65 -1.89
N ILE B 289 0.92 13.93 -0.81
CA ILE B 289 -0.42 14.49 -0.91
C ILE B 289 -0.41 15.83 -1.65
N GLU B 290 0.46 16.74 -1.22
CA GLU B 290 0.53 18.08 -1.79
C GLU B 290 0.93 18.07 -3.27
N PHE B 291 2.00 17.36 -3.61
CA PHE B 291 2.49 17.36 -4.98
C PHE B 291 1.57 16.57 -5.92
N SER B 292 0.85 15.59 -5.37
CA SER B 292 -0.15 14.86 -6.15
C SER B 292 -1.33 15.78 -6.41
N LYS B 293 -1.61 16.64 -5.44
CA LYS B 293 -2.64 17.66 -5.60
C LYS B 293 -2.27 18.62 -6.72
N MET B 294 -1.03 19.10 -6.69
CA MET B 294 -0.54 20.02 -7.71
C MET B 294 -0.49 19.37 -9.09
N ALA B 295 -0.28 18.06 -9.12
CA ALA B 295 -0.12 17.34 -10.38
C ALA B 295 -1.42 17.24 -11.18
N ARG B 296 -2.55 17.59 -10.57
CA ARG B 296 -3.83 17.54 -11.27
C ARG B 296 -4.14 18.84 -12.00
N ASP B 297 -3.31 19.85 -11.77
CA ASP B 297 -3.39 21.11 -12.50
C ASP B 297 -2.03 21.77 -12.49
N PRO B 298 -1.11 21.22 -13.29
CA PRO B 298 0.31 21.59 -13.25
C PRO B 298 0.60 22.99 -13.81
N GLN B 299 -0.15 23.44 -14.80
CA GLN B 299 0.07 24.77 -15.39
C GLN B 299 -0.23 25.89 -14.38
N ARG B 300 -0.97 25.57 -13.33
CA ARG B 300 -1.31 26.54 -12.31
C ARG B 300 -0.22 26.70 -11.25
N TYR B 301 0.60 25.66 -11.08
CA TYR B 301 1.64 25.70 -10.06
C TYR B 301 3.03 25.88 -10.65
N LEU B 302 3.14 25.72 -11.97
CA LEU B 302 4.40 25.95 -12.66
C LEU B 302 4.19 26.70 -13.97
N VAL B 303 4.89 27.81 -14.14
CA VAL B 303 4.77 28.62 -15.35
C VAL B 303 5.87 28.30 -16.36
N ILE B 304 5.51 27.52 -17.37
CA ILE B 304 6.41 27.12 -18.45
C ILE B 304 5.76 27.51 -19.77
N GLN B 305 6.49 28.25 -20.60
CA GLN B 305 5.92 28.77 -21.84
C GLN B 305 5.92 27.74 -22.97
N GLY B 306 6.61 26.62 -22.77
CA GLY B 306 6.54 25.53 -23.72
C GLY B 306 5.21 24.83 -23.74
N ASP B 307 4.59 24.70 -22.56
CA ASP B 307 3.30 24.04 -22.41
C ASP B 307 2.23 24.68 -23.29
N VAL C 5 -45.69 40.83 -16.63
CA VAL C 5 -45.75 39.56 -17.33
C VAL C 5 -47.17 39.34 -17.82
N LEU C 6 -47.40 39.58 -19.11
CA LEU C 6 -48.73 39.49 -19.70
C LEU C 6 -48.81 38.49 -20.84
N ALA C 7 -49.81 37.62 -20.80
CA ALA C 7 -50.01 36.61 -21.85
C ALA C 7 -50.70 37.26 -23.05
N ARG C 8 -50.02 37.22 -24.20
CA ARG C 8 -50.53 37.83 -25.42
C ARG C 8 -51.33 36.86 -26.28
N ILE C 9 -52.41 37.36 -26.88
CA ILE C 9 -53.28 36.55 -27.73
C ILE C 9 -53.22 37.01 -29.18
N PHE C 10 -53.05 36.05 -30.10
CA PHE C 10 -52.92 36.36 -31.53
C PHE C 10 -54.19 36.09 -32.32
N LYS C 11 -54.30 36.75 -33.47
CA LYS C 11 -55.38 36.51 -34.42
C LYS C 11 -54.92 35.58 -35.53
N GLU C 12 -55.85 34.82 -36.11
CA GLU C 12 -55.53 33.80 -37.11
C GLU C 12 -54.80 34.36 -38.33
N THR C 13 -55.00 35.65 -38.61
CA THR C 13 -54.38 36.29 -39.76
C THR C 13 -52.98 36.81 -39.45
N GLU C 14 -52.66 36.93 -38.17
CA GLU C 14 -51.35 37.42 -37.77
C GLU C 14 -50.28 36.34 -37.82
N LEU C 15 -50.72 35.09 -37.98
CA LEU C 15 -49.79 33.97 -37.99
C LEU C 15 -49.88 33.20 -39.30
N ARG C 16 -48.75 32.69 -39.75
CA ARG C 16 -48.66 31.87 -40.96
C ARG C 16 -47.52 30.87 -40.81
N LYS C 17 -47.78 29.62 -41.18
CA LYS C 17 -46.79 28.57 -41.02
C LYS C 17 -46.11 28.28 -42.36
N LEU C 18 -44.79 28.38 -42.37
CA LEU C 18 -44.03 28.27 -43.61
C LEU C 18 -43.56 26.85 -43.88
N LYS C 19 -42.78 26.28 -42.97
CA LYS C 19 -42.26 24.94 -43.18
C LYS C 19 -42.34 24.07 -41.93
N VAL C 20 -42.63 22.79 -42.09
CA VAL C 20 -42.70 21.88 -40.95
C VAL C 20 -41.31 21.67 -40.38
N LEU C 21 -41.17 21.94 -39.09
CA LEU C 21 -39.89 21.80 -38.40
C LEU C 21 -39.76 20.42 -37.78
N GLY C 22 -40.89 19.87 -37.35
CA GLY C 22 -40.91 18.55 -36.75
C GLY C 22 -42.17 18.32 -35.92
N SER C 23 -42.47 17.05 -35.66
CA SER C 23 -43.64 16.70 -34.86
C SER C 23 -43.26 15.76 -33.72
N GLY C 24 -43.97 15.88 -32.60
CA GLY C 24 -43.72 15.04 -31.46
C GLY C 24 -44.94 14.33 -30.94
N VAL C 25 -45.04 14.21 -29.61
CA VAL C 25 -46.14 13.51 -28.99
C VAL C 25 -47.43 14.34 -29.02
N PHE C 26 -47.32 15.62 -28.68
CA PHE C 26 -48.49 16.46 -28.52
C PHE C 26 -48.85 17.24 -29.77
N GLY C 27 -47.91 18.03 -30.28
CA GLY C 27 -48.20 18.89 -31.41
C GLY C 27 -47.25 18.80 -32.58
N THR C 28 -47.49 19.64 -33.58
CA THR C 28 -46.65 19.72 -34.76
C THR C 28 -46.00 21.09 -34.85
N VAL C 29 -44.68 21.13 -34.85
CA VAL C 29 -43.96 22.40 -34.82
C VAL C 29 -43.61 22.89 -36.23
N HIS C 30 -44.12 24.08 -36.56
CA HIS C 30 -43.82 24.73 -37.81
C HIS C 30 -42.93 25.95 -37.59
N LYS C 31 -41.97 26.17 -38.48
CA LYS C 31 -41.31 27.46 -38.57
C LYS C 31 -42.16 28.38 -39.44
N GLY C 32 -42.60 29.48 -38.84
CA GLY C 32 -43.48 30.42 -39.50
C GLY C 32 -43.11 31.86 -39.23
N VAL C 33 -44.07 32.77 -39.39
CA VAL C 33 -43.83 34.19 -39.22
C VAL C 33 -45.02 34.88 -38.57
N TRP C 34 -44.73 36.04 -37.98
CA TRP C 34 -45.77 36.88 -37.41
C TRP C 34 -45.92 38.11 -38.29
N ILE C 35 -47.12 38.26 -38.84
CA ILE C 35 -47.49 39.41 -39.63
C ILE C 35 -48.64 40.16 -38.97
N PRO C 36 -48.30 41.18 -38.18
CA PRO C 36 -49.25 41.98 -37.39
C PRO C 36 -50.24 42.71 -38.27
N GLU C 37 -51.08 43.52 -37.64
CA GLU C 37 -52.07 44.29 -38.36
C GLU C 37 -51.36 45.45 -39.06
N GLY C 38 -50.11 45.69 -38.66
CA GLY C 38 -49.19 46.51 -39.43
C GLY C 38 -48.73 45.56 -40.53
N GLU C 39 -49.03 45.90 -41.77
CA GLU C 39 -49.43 44.87 -42.72
C GLU C 39 -48.38 44.07 -43.52
N SER C 40 -47.14 44.54 -43.65
CA SER C 40 -46.21 43.75 -44.47
C SER C 40 -44.89 43.33 -43.84
N ILE C 41 -44.74 43.48 -42.52
CA ILE C 41 -43.53 42.98 -41.89
C ILE C 41 -43.73 41.52 -41.53
N LYS C 42 -42.73 40.69 -41.81
CA LYS C 42 -42.77 39.28 -41.45
C LYS C 42 -41.69 38.95 -40.43
N ILE C 43 -42.08 38.70 -39.18
CA ILE C 43 -41.09 38.39 -38.14
C ILE C 43 -41.00 36.90 -37.82
N PRO C 44 -39.84 36.29 -38.10
CA PRO C 44 -39.64 34.84 -37.96
C PRO C 44 -39.96 34.31 -36.56
N VAL C 45 -40.95 33.42 -36.47
CA VAL C 45 -41.29 32.81 -35.20
C VAL C 45 -41.50 31.30 -35.36
N CYS C 46 -41.75 30.65 -34.23
CA CYS C 46 -41.95 29.21 -34.19
C CYS C 46 -43.34 28.89 -33.66
N ILE C 47 -44.19 28.40 -34.56
CA ILE C 47 -45.59 28.13 -34.23
C ILE C 47 -45.83 26.64 -34.05
N LYS C 48 -46.19 26.23 -32.83
CA LYS C 48 -46.49 24.84 -32.55
C LYS C 48 -48.01 24.63 -32.51
N VAL C 49 -48.50 23.76 -33.38
CA VAL C 49 -49.94 23.53 -33.51
C VAL C 49 -50.37 22.26 -32.79
N ILE C 50 -51.26 22.43 -31.82
CA ILE C 50 -51.84 21.32 -31.08
C ILE C 50 -53.29 21.10 -31.49
N GLU C 51 -53.60 19.87 -31.93
CA GLU C 51 -54.96 19.50 -32.30
C GLU C 51 -55.77 19.12 -31.06
N SER C 58 -62.35 21.53 -27.17
CA SER C 58 -62.04 22.42 -28.28
C SER C 58 -61.14 23.56 -27.85
N PHE C 59 -60.29 24.01 -28.78
CA PHE C 59 -59.32 25.06 -28.52
C PHE C 59 -59.82 26.43 -28.98
N GLN C 60 -61.14 26.55 -29.13
CA GLN C 60 -61.75 27.78 -29.64
C GLN C 60 -61.78 28.92 -28.63
N ALA C 61 -61.57 28.62 -27.35
CA ALA C 61 -61.58 29.66 -26.34
C ALA C 61 -60.34 29.59 -25.44
N VAL C 62 -59.92 30.75 -24.95
CA VAL C 62 -58.72 30.85 -24.12
C VAL C 62 -59.02 30.46 -22.68
N THR C 63 -58.45 29.34 -22.24
CA THR C 63 -58.67 28.85 -20.88
C THR C 63 -57.72 29.52 -19.89
N ASP C 64 -57.87 29.19 -18.62
CA ASP C 64 -57.02 29.74 -17.57
C ASP C 64 -55.62 29.15 -17.67
N HIS C 65 -55.53 27.89 -18.05
CA HIS C 65 -54.25 27.21 -18.16
C HIS C 65 -53.42 27.82 -19.29
N MET C 66 -54.09 28.20 -20.38
CA MET C 66 -53.41 28.87 -21.49
C MET C 66 -52.79 30.18 -21.02
N LEU C 67 -53.54 30.92 -20.20
CA LEU C 67 -53.04 32.17 -19.64
C LEU C 67 -51.89 31.93 -18.68
N ALA C 68 -51.97 30.83 -17.93
CA ALA C 68 -50.91 30.44 -17.00
C ALA C 68 -49.62 30.15 -17.76
N ILE C 69 -49.74 29.44 -18.87
CA ILE C 69 -48.60 29.13 -19.72
C ILE C 69 -48.03 30.40 -20.34
N GLY C 70 -48.91 31.27 -20.81
CA GLY C 70 -48.49 32.50 -21.47
C GLY C 70 -48.00 33.57 -20.50
N SER C 71 -48.18 33.32 -19.21
CA SER C 71 -47.76 34.28 -18.19
C SER C 71 -46.48 33.84 -17.48
N LEU C 72 -45.56 33.23 -18.23
CA LEU C 72 -44.30 32.81 -17.65
C LEU C 72 -43.11 33.27 -18.47
N ASP C 73 -42.10 33.82 -17.80
CA ASP C 73 -40.84 34.19 -18.44
C ASP C 73 -39.69 34.07 -17.46
N HIS C 74 -38.61 33.43 -17.91
CA HIS C 74 -37.41 33.27 -17.11
C HIS C 74 -36.22 33.18 -18.05
N ALA C 75 -35.02 33.46 -17.53
CA ALA C 75 -33.83 33.47 -18.36
C ALA C 75 -33.52 32.08 -18.91
N HIS C 76 -34.09 31.06 -18.29
CA HIS C 76 -33.78 29.68 -18.65
C HIS C 76 -35.00 28.84 -18.98
N ILE C 77 -36.09 29.50 -19.38
CA ILE C 77 -37.24 28.80 -19.96
C ILE C 77 -37.64 29.50 -21.26
N VAL C 78 -38.30 28.76 -22.14
CA VAL C 78 -38.75 29.35 -23.40
C VAL C 78 -40.09 30.08 -23.21
N ARG C 79 -40.03 31.41 -23.21
CA ARG C 79 -41.22 32.23 -23.08
C ARG C 79 -42.22 31.99 -24.21
N LEU C 80 -43.49 31.86 -23.84
CA LEU C 80 -44.55 31.77 -24.83
C LEU C 80 -44.94 33.17 -25.28
N LEU C 81 -44.47 33.55 -26.47
CA LEU C 81 -44.75 34.85 -27.06
C LEU C 81 -46.24 35.12 -27.20
N GLY C 82 -46.99 34.12 -27.65
CA GLY C 82 -48.42 34.29 -27.85
C GLY C 82 -49.25 33.03 -27.95
N LEU C 83 -50.57 33.23 -27.95
CA LEU C 83 -51.53 32.14 -28.12
C LEU C 83 -52.48 32.46 -29.27
N CYS C 84 -52.90 31.44 -29.99
CA CYS C 84 -53.90 31.63 -31.04
C CYS C 84 -54.99 30.56 -30.92
N PRO C 85 -56.18 30.96 -30.44
CA PRO C 85 -57.31 30.03 -30.33
C PRO C 85 -57.86 29.65 -31.70
N GLY C 86 -58.85 28.78 -31.73
CA GLY C 86 -59.46 28.36 -32.98
C GLY C 86 -59.69 26.87 -33.04
N SER C 87 -59.81 26.34 -34.25
CA SER C 87 -59.94 24.90 -34.46
C SER C 87 -58.74 24.17 -33.88
N SER C 88 -57.55 24.72 -34.11
CA SER C 88 -56.32 24.19 -33.56
C SER C 88 -55.63 25.25 -32.70
N LEU C 89 -55.02 24.83 -31.60
CA LEU C 89 -54.32 25.79 -30.74
C LEU C 89 -52.92 26.06 -31.27
N GLN C 90 -52.55 27.32 -31.35
CA GLN C 90 -51.22 27.68 -31.83
C GLN C 90 -50.39 28.38 -30.76
N LEU C 91 -49.28 27.74 -30.38
CA LEU C 91 -48.37 28.28 -29.39
C LEU C 91 -47.19 28.92 -30.09
N VAL C 92 -47.01 30.23 -29.90
CA VAL C 92 -45.97 30.95 -30.62
C VAL C 92 -44.78 31.23 -29.72
N THR C 93 -43.59 30.80 -30.12
CA THR C 93 -42.37 31.09 -29.37
C THR C 93 -41.27 31.56 -30.31
N GLN C 94 -40.12 31.92 -29.75
CA GLN C 94 -38.96 32.28 -30.56
C GLN C 94 -38.39 31.07 -31.29
N TYR C 95 -37.77 31.30 -32.44
CA TYR C 95 -37.12 30.22 -33.17
C TYR C 95 -35.64 30.14 -32.84
N LEU C 96 -35.27 29.10 -32.09
CA LEU C 96 -33.88 28.91 -31.69
C LEU C 96 -33.18 27.96 -32.67
N PRO C 97 -32.32 28.51 -33.53
CA PRO C 97 -31.68 27.77 -34.63
C PRO C 97 -30.72 26.69 -34.13
N LEU C 98 -30.16 26.89 -32.95
CA LEU C 98 -29.14 25.99 -32.42
C LEU C 98 -29.70 24.62 -32.07
N GLY C 99 -31.02 24.50 -32.04
CA GLY C 99 -31.66 23.21 -31.83
C GLY C 99 -31.69 22.78 -30.38
N SER C 100 -32.04 21.52 -30.16
CA SER C 100 -32.16 20.97 -28.80
C SER C 100 -30.80 20.67 -28.19
N LEU C 101 -30.77 20.58 -26.87
CA LEU C 101 -29.56 20.25 -26.13
C LEU C 101 -29.13 18.80 -26.40
N LEU C 102 -30.12 17.94 -26.60
CA LEU C 102 -29.89 16.53 -26.85
C LEU C 102 -29.02 16.33 -28.09
N ASP C 103 -29.42 16.95 -29.19
CA ASP C 103 -28.71 16.82 -30.44
C ASP C 103 -27.32 17.46 -30.36
N HIS C 104 -27.18 18.44 -29.48
CA HIS C 104 -25.92 19.16 -29.32
C HIS C 104 -24.89 18.33 -28.56
N VAL C 105 -25.29 17.80 -27.41
CA VAL C 105 -24.39 16.98 -26.60
C VAL C 105 -24.14 15.65 -27.30
N ARG C 106 -25.12 15.19 -28.07
CA ARG C 106 -24.93 14.01 -28.88
C ARG C 106 -23.95 14.32 -30.00
N GLN C 107 -23.97 15.55 -30.50
CA GLN C 107 -23.10 15.88 -31.62
C GLN C 107 -21.64 16.08 -31.19
N HIS C 108 -21.39 16.93 -30.20
CA HIS C 108 -20.01 17.20 -29.78
C HIS C 108 -19.45 16.23 -28.73
N ARG C 109 -20.34 15.75 -27.85
CA ARG C 109 -19.96 14.85 -26.75
C ARG C 109 -18.87 15.41 -25.84
N GLY C 110 -17.82 14.61 -25.64
CA GLY C 110 -16.74 14.95 -24.72
C GLY C 110 -16.01 16.24 -25.03
N ALA C 111 -16.11 16.71 -26.27
CA ALA C 111 -15.45 17.94 -26.69
C ALA C 111 -15.99 19.12 -25.90
N LEU C 112 -17.25 19.04 -25.51
CA LEU C 112 -17.87 20.04 -24.64
C LEU C 112 -17.20 20.01 -23.27
N GLY C 113 -17.12 21.16 -22.62
CA GLY C 113 -16.51 21.26 -21.30
C GLY C 113 -17.40 20.68 -20.22
N PRO C 114 -16.79 19.99 -19.25
CA PRO C 114 -17.50 19.49 -18.07
C PRO C 114 -18.15 20.63 -17.29
N GLN C 115 -17.48 21.78 -17.37
CA GLN C 115 -17.99 23.03 -16.80
C GLN C 115 -19.35 23.36 -17.43
N LEU C 116 -19.46 23.15 -18.73
CA LEU C 116 -20.71 23.41 -19.44
C LEU C 116 -21.79 22.41 -19.09
N LEU C 117 -21.41 21.14 -18.91
CA LEU C 117 -22.38 20.12 -18.54
C LEU C 117 -22.98 20.43 -17.17
N LEU C 118 -22.11 20.71 -16.21
CA LEU C 118 -22.57 21.03 -14.86
C LEU C 118 -23.39 22.32 -14.85
N ASN C 119 -22.90 23.35 -15.52
CA ASN C 119 -23.61 24.63 -15.58
C ASN C 119 -24.97 24.51 -16.25
N TRP C 120 -25.06 23.66 -17.27
CA TRP C 120 -26.33 23.39 -17.93
C TRP C 120 -27.29 22.69 -16.98
N GLY C 121 -26.75 21.79 -16.15
CA GLY C 121 -27.54 21.19 -15.10
C GLY C 121 -28.13 22.27 -14.20
N VAL C 122 -27.27 23.19 -13.79
CA VAL C 122 -27.69 24.30 -12.94
C VAL C 122 -28.79 25.14 -13.58
N GLN C 123 -28.62 25.46 -14.86
CA GLN C 123 -29.56 26.29 -15.59
C GLN C 123 -30.92 25.60 -15.72
N ILE C 124 -30.91 24.32 -16.10
CA ILE C 124 -32.15 23.57 -16.22
C ILE C 124 -32.89 23.51 -14.90
N ALA C 125 -32.16 23.22 -13.83
CA ALA C 125 -32.78 23.18 -12.50
C ALA C 125 -33.34 24.55 -12.12
N LYS C 126 -32.65 25.60 -12.54
CA LYS C 126 -33.09 26.98 -12.32
C LYS C 126 -34.43 27.25 -12.97
N GLY C 127 -34.53 26.94 -14.27
CA GLY C 127 -35.76 27.15 -15.02
C GLY C 127 -36.91 26.36 -14.43
N MET C 128 -36.64 25.10 -14.09
CA MET C 128 -37.66 24.25 -13.48
C MET C 128 -38.10 24.82 -12.14
N TYR C 129 -37.16 25.47 -11.44
CA TYR C 129 -37.47 26.12 -10.18
C TYR C 129 -38.42 27.29 -10.39
N TYR C 130 -38.17 28.06 -11.45
CA TYR C 130 -39.07 29.16 -11.80
C TYR C 130 -40.47 28.62 -12.12
N LEU C 131 -40.53 27.52 -12.86
CA LEU C 131 -41.81 26.93 -13.24
C LEU C 131 -42.55 26.42 -12.01
N GLU C 132 -41.82 25.88 -11.04
CA GLU C 132 -42.45 25.33 -9.85
C GLU C 132 -42.96 26.44 -8.93
N GLU C 133 -42.21 27.52 -8.84
CA GLU C 133 -42.57 28.62 -7.94
C GLU C 133 -43.86 29.32 -8.41
N HIS C 134 -44.23 29.11 -9.67
CA HIS C 134 -45.47 29.64 -10.20
C HIS C 134 -46.52 28.56 -10.43
N GLY C 135 -46.30 27.41 -9.78
CA GLY C 135 -47.27 26.33 -9.83
C GLY C 135 -47.41 25.62 -11.16
N MET C 136 -46.48 25.88 -12.07
CA MET C 136 -46.52 25.28 -13.40
C MET C 136 -45.83 23.92 -13.42
N VAL C 137 -46.58 22.89 -13.80
CA VAL C 137 -46.03 21.54 -13.93
C VAL C 137 -45.68 21.27 -15.39
N HIS C 138 -44.48 20.76 -15.61
CA HIS C 138 -43.97 20.54 -16.97
C HIS C 138 -44.62 19.32 -17.63
N ARG C 139 -44.56 18.18 -16.94
CA ARG C 139 -45.16 16.92 -17.38
C ARG C 139 -44.50 16.30 -18.62
N ASN C 140 -43.46 16.96 -19.14
CA ASN C 140 -42.74 16.42 -20.28
C ASN C 140 -41.35 17.01 -20.40
N LEU C 141 -40.56 16.87 -19.34
CA LEU C 141 -39.19 17.35 -19.33
C LEU C 141 -38.27 16.28 -19.93
N ALA C 142 -37.40 16.70 -20.83
CA ALA C 142 -36.44 15.80 -21.47
C ALA C 142 -35.32 16.60 -22.10
N ALA C 143 -34.30 15.91 -22.61
CA ALA C 143 -33.20 16.57 -23.29
C ALA C 143 -33.67 17.16 -24.62
N ARG C 144 -34.66 16.51 -25.24
CA ARG C 144 -35.22 16.98 -26.49
C ARG C 144 -35.96 18.29 -26.29
N ASN C 145 -36.49 18.50 -25.09
CA ASN C 145 -37.27 19.69 -24.78
C ASN C 145 -36.44 20.77 -24.10
N VAL C 146 -35.12 20.71 -24.29
CA VAL C 146 -34.23 21.75 -23.81
C VAL C 146 -33.51 22.36 -25.00
N LEU C 147 -33.73 23.65 -25.24
CA LEU C 147 -33.19 24.30 -26.43
C LEU C 147 -32.06 25.26 -26.09
N LEU C 148 -31.10 25.39 -27.00
CA LEU C 148 -29.98 26.30 -26.79
C LEU C 148 -30.37 27.72 -27.18
N LYS C 149 -30.41 28.61 -26.18
CA LYS C 149 -30.59 30.02 -26.43
C LYS C 149 -29.27 30.58 -26.96
N SER C 150 -28.19 30.26 -26.26
CA SER C 150 -26.84 30.61 -26.64
C SER C 150 -26.02 29.32 -26.74
N PRO C 151 -24.81 29.39 -27.32
CA PRO C 151 -23.96 28.19 -27.29
C PRO C 151 -23.58 27.76 -25.87
N SER C 152 -23.88 28.60 -24.89
CA SER C 152 -23.59 28.30 -23.49
C SER C 152 -24.83 28.39 -22.62
N GLN C 153 -25.89 28.98 -23.14
CA GLN C 153 -27.10 29.20 -22.35
C GLN C 153 -28.23 28.31 -22.87
N VAL C 154 -28.97 27.69 -21.94
CA VAL C 154 -30.09 26.82 -22.33
C VAL C 154 -31.41 27.24 -21.70
N GLN C 155 -32.50 26.89 -22.38
CA GLN C 155 -33.85 27.23 -21.95
C GLN C 155 -34.78 26.01 -22.02
N VAL C 156 -35.68 25.93 -21.04
CA VAL C 156 -36.64 24.85 -20.95
C VAL C 156 -37.87 25.16 -21.82
N ALA C 157 -38.30 24.17 -22.60
CA ALA C 157 -39.43 24.35 -23.50
C ALA C 157 -40.51 23.30 -23.28
N ASP C 158 -41.66 23.50 -23.92
CA ASP C 158 -42.77 22.55 -23.92
C ASP C 158 -43.37 22.27 -22.54
N PHE C 159 -43.37 23.27 -21.68
CA PHE C 159 -43.98 23.11 -20.35
C PHE C 159 -45.47 23.43 -20.39
N GLY C 160 -46.27 22.62 -19.70
CA GLY C 160 -47.70 22.85 -19.59
C GLY C 160 -48.51 22.41 -20.79
N VAL C 161 -47.83 21.98 -21.85
CA VAL C 161 -48.50 21.54 -23.07
C VAL C 161 -49.34 20.28 -22.80
N ALA C 162 -48.84 19.44 -21.91
CA ALA C 162 -49.50 18.17 -21.60
C ALA C 162 -50.89 18.36 -21.01
N ASP C 163 -51.06 19.42 -20.21
CA ASP C 163 -52.34 19.65 -19.55
C ASP C 163 -53.27 20.52 -20.40
N LEU C 164 -53.07 20.50 -21.71
CA LEU C 164 -54.00 21.15 -22.63
C LEU C 164 -54.90 20.11 -23.29
N LEU C 165 -54.47 18.85 -23.23
CA LEU C 165 -55.16 17.77 -23.92
C LEU C 165 -55.87 16.80 -22.96
N PRO C 166 -56.88 16.09 -23.46
CA PRO C 166 -57.55 15.05 -22.68
C PRO C 166 -56.61 13.86 -22.44
N PRO C 167 -56.77 13.17 -21.30
CA PRO C 167 -55.90 12.04 -20.96
C PRO C 167 -55.97 10.88 -21.95
N ASP C 168 -55.26 11.00 -23.06
CA ASP C 168 -55.00 9.85 -23.92
C ASP C 168 -53.70 9.22 -23.44
N ASP C 169 -53.80 8.22 -22.56
CA ASP C 169 -52.64 7.74 -21.79
C ASP C 169 -51.49 7.36 -22.68
N LYS C 170 -51.76 6.72 -23.82
CA LYS C 170 -50.64 6.57 -24.72
C LYS C 170 -50.98 6.90 -26.16
N GLN C 171 -50.62 8.14 -26.45
CA GLN C 171 -50.27 8.61 -27.77
C GLN C 171 -48.74 8.49 -27.76
N LEU C 172 -48.23 8.06 -26.61
CA LEU C 172 -46.81 7.96 -26.38
C LEU C 172 -46.08 6.86 -27.21
N LEU C 173 -46.80 6.15 -28.11
CA LEU C 173 -46.23 5.07 -28.97
C LEU C 173 -45.61 5.70 -30.21
N TYR C 174 -45.88 6.99 -30.38
CA TYR C 174 -45.46 7.66 -31.60
C TYR C 174 -43.97 7.41 -31.80
N SER C 175 -43.27 7.24 -30.69
CA SER C 175 -41.86 6.87 -30.72
C SER C 175 -41.47 6.01 -29.51
N GLU C 176 -40.67 4.98 -29.75
CA GLU C 176 -40.15 4.16 -28.66
C GLU C 176 -38.84 4.76 -28.15
N ALA C 177 -38.32 5.72 -28.90
CA ALA C 177 -37.08 6.40 -28.54
C ALA C 177 -37.36 7.71 -27.82
N LYS C 178 -38.47 8.35 -28.16
CA LYS C 178 -38.83 9.62 -27.54
C LYS C 178 -40.09 9.53 -26.68
N THR C 179 -40.45 8.33 -26.27
CA THR C 179 -41.65 8.14 -25.44
C THR C 179 -41.47 8.75 -24.06
N PRO C 180 -42.42 9.60 -23.64
CA PRO C 180 -42.35 10.24 -22.33
C PRO C 180 -42.42 9.27 -21.14
N ILE C 181 -42.63 7.99 -21.40
CA ILE C 181 -42.73 7.01 -20.31
C ILE C 181 -41.37 6.78 -19.66
N LYS C 182 -40.31 7.07 -20.40
CA LYS C 182 -38.96 6.84 -19.91
C LYS C 182 -38.47 8.03 -19.11
N TRP C 183 -39.28 9.10 -19.10
CA TRP C 183 -38.97 10.28 -18.33
C TRP C 183 -40.01 10.50 -17.23
N MET C 184 -41.08 9.71 -17.26
CA MET C 184 -42.14 9.84 -16.26
C MET C 184 -41.79 9.12 -14.96
N ALA C 185 -42.28 9.68 -13.85
CA ALA C 185 -42.13 9.02 -12.55
C ALA C 185 -43.10 7.84 -12.45
N LEU C 186 -42.89 6.99 -11.45
CA LEU C 186 -43.70 5.79 -11.29
C LEU C 186 -45.18 6.11 -11.04
N GLU C 187 -45.45 7.10 -10.18
CA GLU C 187 -46.83 7.47 -9.89
C GLU C 187 -47.51 8.03 -11.13
N SER C 188 -46.72 8.63 -12.01
CA SER C 188 -47.24 9.19 -13.26
C SER C 188 -47.60 8.08 -14.24
N ILE C 189 -46.83 7.01 -14.23
CA ILE C 189 -47.07 5.86 -15.09
C ILE C 189 -48.26 5.04 -14.59
N HIS C 190 -48.32 4.84 -13.28
CA HIS C 190 -49.32 3.99 -12.67
C HIS C 190 -50.68 4.67 -12.51
N PHE C 191 -50.70 5.90 -12.03
CA PHE C 191 -51.96 6.55 -11.66
C PHE C 191 -52.20 7.87 -12.38
N GLY C 192 -51.31 8.22 -13.30
CA GLY C 192 -51.42 9.47 -14.03
C GLY C 192 -51.35 10.69 -13.13
N LYS C 193 -50.60 10.58 -12.04
CA LYS C 193 -50.41 11.68 -11.11
C LYS C 193 -49.17 12.48 -11.47
N TYR C 194 -49.35 13.76 -11.75
CA TYR C 194 -48.24 14.62 -12.15
C TYR C 194 -48.02 15.76 -11.17
N THR C 195 -46.78 15.86 -10.67
CA THR C 195 -46.43 16.87 -9.67
C THR C 195 -45.14 17.57 -10.09
N HIS C 196 -44.80 18.66 -9.40
CA HIS C 196 -43.48 19.27 -9.56
C HIS C 196 -42.43 18.25 -9.15
N GLN C 197 -42.84 17.37 -8.24
CA GLN C 197 -42.00 16.30 -7.74
C GLN C 197 -41.84 15.19 -8.78
N SER C 198 -42.83 15.08 -9.66
CA SER C 198 -42.75 14.16 -10.79
C SER C 198 -41.76 14.66 -11.85
N ASP C 199 -41.62 15.99 -11.92
CA ASP C 199 -40.68 16.62 -12.84
C ASP C 199 -39.22 16.42 -12.43
N VAL C 200 -39.01 16.08 -11.16
CA VAL C 200 -37.66 15.82 -10.64
C VAL C 200 -37.07 14.53 -11.21
N TRP C 201 -37.90 13.48 -11.27
CA TRP C 201 -37.53 12.23 -11.92
C TRP C 201 -37.06 12.51 -13.35
N SER C 202 -37.90 13.22 -14.09
CA SER C 202 -37.63 13.58 -15.47
C SER C 202 -36.36 14.41 -15.58
N TYR C 203 -36.11 15.24 -14.57
CA TYR C 203 -34.89 16.04 -14.53
C TYR C 203 -33.68 15.12 -14.42
N GLY C 204 -33.80 14.11 -13.58
CA GLY C 204 -32.72 13.14 -13.39
C GLY C 204 -32.43 12.40 -14.68
N VAL C 205 -33.48 12.01 -15.39
CA VAL C 205 -33.30 11.33 -16.67
C VAL C 205 -32.67 12.27 -17.70
N THR C 206 -33.06 13.54 -17.66
CA THR C 206 -32.52 14.54 -18.58
C THR C 206 -31.01 14.71 -18.36
N VAL C 207 -30.62 14.81 -17.10
CA VAL C 207 -29.21 14.92 -16.76
C VAL C 207 -28.46 13.64 -17.15
N TRP C 208 -29.14 12.50 -17.02
CA TRP C 208 -28.57 11.24 -17.48
C TRP C 208 -28.25 11.30 -18.97
N GLU C 209 -29.21 11.81 -19.76
CA GLU C 209 -28.98 12.02 -21.18
C GLU C 209 -27.79 12.94 -21.42
N LEU C 210 -27.75 14.01 -20.64
CA LEU C 210 -26.70 15.02 -20.72
C LEU C 210 -25.31 14.40 -20.55
N MET C 211 -25.14 13.65 -19.47
CA MET C 211 -23.82 13.13 -19.11
C MET C 211 -23.43 11.86 -19.86
N THR C 212 -24.38 11.25 -20.56
CA THR C 212 -24.07 10.13 -21.43
C THR C 212 -23.99 10.60 -22.88
N PHE C 213 -24.04 11.92 -23.05
CA PHE C 213 -23.96 12.56 -24.35
C PHE C 213 -25.03 12.06 -25.32
N GLY C 214 -26.26 11.97 -24.82
CA GLY C 214 -27.41 11.67 -25.65
C GLY C 214 -27.77 10.21 -25.83
N ALA C 215 -27.50 9.39 -24.82
CA ALA C 215 -27.90 7.99 -24.85
C ALA C 215 -29.41 7.87 -24.67
N GLU C 216 -29.99 6.84 -25.26
CA GLU C 216 -31.42 6.57 -25.15
C GLU C 216 -31.72 5.69 -23.94
N PRO C 217 -32.48 6.25 -22.98
CA PRO C 217 -32.84 5.53 -21.75
C PRO C 217 -33.52 4.18 -21.99
N TYR C 218 -33.08 3.15 -21.27
CA TYR C 218 -33.65 1.80 -21.35
C TYR C 218 -33.69 1.30 -22.80
N ALA C 219 -32.51 1.26 -23.42
CA ALA C 219 -32.39 0.91 -24.82
C ALA C 219 -32.81 -0.53 -25.11
N GLY C 220 -32.14 -1.48 -24.45
CA GLY C 220 -32.43 -2.88 -24.65
C GLY C 220 -33.85 -3.24 -24.22
N LEU C 221 -34.39 -2.44 -23.30
CA LEU C 221 -35.72 -2.67 -22.76
C LEU C 221 -36.85 -2.21 -23.69
N ARG C 222 -38.04 -2.70 -23.37
CA ARG C 222 -39.28 -2.36 -24.04
C ARG C 222 -40.10 -1.47 -23.12
N LEU C 223 -40.98 -0.62 -23.66
CA LEU C 223 -41.81 0.22 -22.79
C LEU C 223 -42.66 -0.63 -21.87
N ALA C 224 -43.19 -1.71 -22.43
CA ALA C 224 -44.13 -2.58 -21.75
C ALA C 224 -43.64 -3.03 -20.37
N GLU C 225 -42.33 -3.29 -20.30
CA GLU C 225 -41.69 -3.76 -19.08
C GLU C 225 -41.02 -2.70 -18.21
N VAL C 226 -40.78 -1.52 -18.75
CA VAL C 226 -40.17 -0.43 -17.97
C VAL C 226 -40.79 -0.06 -16.61
N PRO C 227 -42.13 0.05 -16.51
CA PRO C 227 -42.63 0.44 -15.18
C PRO C 227 -42.38 -0.58 -14.07
N ASP C 228 -42.64 -1.85 -14.35
CA ASP C 228 -42.39 -2.91 -13.38
C ASP C 228 -40.91 -2.99 -13.03
N LEU C 229 -40.05 -2.94 -14.05
CA LEU C 229 -38.62 -3.06 -13.83
C LEU C 229 -38.15 -1.88 -12.98
N LEU C 230 -38.74 -0.72 -13.20
CA LEU C 230 -38.47 0.44 -12.35
C LEU C 230 -38.92 0.19 -10.92
N GLU C 231 -39.98 -0.58 -10.74
CA GLU C 231 -40.46 -0.84 -9.39
C GLU C 231 -39.66 -1.98 -8.72
N LYS C 232 -38.97 -2.79 -9.51
CA LYS C 232 -38.18 -3.88 -8.96
C LYS C 232 -36.86 -3.34 -8.44
N GLY C 233 -36.53 -2.12 -8.84
CA GLY C 233 -35.43 -1.38 -8.25
C GLY C 233 -34.23 -1.00 -9.09
N GLU C 234 -34.19 -1.37 -10.36
CA GLU C 234 -33.04 -0.96 -11.16
C GLU C 234 -33.32 0.36 -11.85
N ARG C 235 -32.25 1.13 -12.05
CA ARG C 235 -32.32 2.45 -12.65
C ARG C 235 -31.36 2.53 -13.83
N LEU C 236 -31.19 3.74 -14.35
CA LEU C 236 -30.21 3.96 -15.42
C LEU C 236 -28.81 3.89 -14.83
N ALA C 237 -27.92 3.16 -15.52
CA ALA C 237 -26.58 2.92 -15.01
C ALA C 237 -25.74 4.19 -14.92
N GLN C 238 -24.69 4.13 -14.11
CA GLN C 238 -23.77 5.25 -13.92
C GLN C 238 -22.95 5.52 -15.17
N PRO C 239 -23.04 6.75 -15.71
CA PRO C 239 -22.25 7.17 -16.89
C PRO C 239 -20.76 7.14 -16.58
N GLN C 240 -19.95 6.68 -17.53
CA GLN C 240 -18.52 6.49 -17.29
C GLN C 240 -17.80 7.79 -16.90
N ILE C 241 -18.37 8.93 -17.28
CA ILE C 241 -17.75 10.21 -16.95
C ILE C 241 -18.30 10.76 -15.64
N CYS C 242 -19.30 10.08 -15.10
CA CYS C 242 -19.95 10.56 -13.89
C CYS C 242 -19.25 10.07 -12.63
N THR C 243 -18.86 11.00 -11.77
CA THR C 243 -18.36 10.65 -10.45
C THR C 243 -19.55 10.12 -9.65
N ILE C 244 -19.27 9.44 -8.55
CA ILE C 244 -20.35 8.92 -7.71
C ILE C 244 -21.16 10.07 -7.09
N ASP C 245 -20.50 11.19 -6.84
CA ASP C 245 -21.16 12.35 -6.26
C ASP C 245 -22.28 12.89 -7.15
N VAL C 246 -22.02 12.99 -8.45
CA VAL C 246 -23.00 13.55 -9.37
C VAL C 246 -24.08 12.51 -9.68
N TYR C 247 -23.71 11.24 -9.70
CA TYR C 247 -24.66 10.17 -10.00
C TYR C 247 -25.60 9.96 -8.84
N MET C 248 -25.14 10.29 -7.64
CA MET C 248 -25.94 10.16 -6.43
C MET C 248 -27.18 11.04 -6.53
N VAL C 249 -27.03 12.20 -7.16
CA VAL C 249 -28.13 13.14 -7.35
C VAL C 249 -29.20 12.57 -8.26
N MET C 250 -28.77 12.07 -9.42
CA MET C 250 -29.67 11.42 -10.36
C MET C 250 -30.38 10.26 -9.69
N VAL C 251 -29.66 9.55 -8.82
CA VAL C 251 -30.25 8.45 -8.06
C VAL C 251 -31.35 8.97 -7.12
N LYS C 252 -31.07 10.06 -6.42
CA LYS C 252 -32.04 10.64 -5.48
C LYS C 252 -33.28 11.17 -6.19
N CYS C 253 -33.13 11.53 -7.46
CA CYS C 253 -34.27 11.99 -8.24
C CYS C 253 -35.23 10.85 -8.57
N TRP C 254 -34.71 9.62 -8.60
CA TRP C 254 -35.48 8.46 -9.03
C TRP C 254 -36.04 7.65 -7.86
N MET C 255 -36.11 8.27 -6.69
CA MET C 255 -36.66 7.61 -5.51
C MET C 255 -38.17 7.42 -5.70
N ILE C 256 -38.69 6.31 -5.20
CA ILE C 256 -40.11 6.02 -5.36
C ILE C 256 -40.97 6.99 -4.55
N ASP C 257 -40.63 7.19 -3.28
CA ASP C 257 -41.34 8.16 -2.46
C ASP C 257 -41.00 9.56 -2.96
N GLU C 258 -42.01 10.30 -3.37
CA GLU C 258 -41.80 11.56 -4.07
C GLU C 258 -41.23 12.66 -3.17
N ASN C 259 -41.66 12.74 -1.93
CA ASN C 259 -41.20 13.83 -1.06
C ASN C 259 -39.97 13.42 -0.28
N ILE C 260 -39.24 12.47 -0.87
CA ILE C 260 -37.86 12.17 -0.51
C ILE C 260 -36.95 12.78 -1.56
N ARG C 261 -37.45 12.79 -2.80
CA ARG C 261 -36.76 13.35 -3.94
C ARG C 261 -36.36 14.79 -3.71
N PRO C 262 -35.23 15.22 -4.30
CA PRO C 262 -34.73 16.58 -4.12
C PRO C 262 -35.67 17.63 -4.70
N THR C 263 -35.54 18.86 -4.20
CA THR C 263 -36.26 19.98 -4.76
C THR C 263 -35.37 20.69 -5.78
N PHE C 264 -35.98 21.46 -6.68
CA PHE C 264 -35.24 22.11 -7.75
C PHE C 264 -34.23 23.11 -7.19
N LYS C 265 -34.53 23.67 -6.02
CA LYS C 265 -33.60 24.59 -5.36
C LYS C 265 -32.41 23.77 -4.89
N GLU C 266 -32.69 22.61 -4.31
CA GLU C 266 -31.65 21.67 -3.90
C GLU C 266 -30.76 21.24 -5.07
N LEU C 267 -31.42 20.94 -6.18
CA LEU C 267 -30.73 20.49 -7.38
C LEU C 267 -29.79 21.56 -7.92
N ALA C 268 -30.31 22.77 -8.05
CA ALA C 268 -29.52 23.88 -8.57
C ALA C 268 -28.35 24.21 -7.66
N ASN C 269 -28.59 24.22 -6.35
CA ASN C 269 -27.52 24.52 -5.41
C ASN C 269 -26.42 23.45 -5.41
N GLU C 270 -26.79 22.19 -5.52
CA GLU C 270 -25.75 21.18 -5.45
C GLU C 270 -24.99 21.12 -6.77
N PHE C 271 -25.68 21.37 -7.88
CA PHE C 271 -25.00 21.44 -9.17
C PHE C 271 -24.13 22.69 -9.31
N THR C 272 -24.44 23.76 -8.59
CA THR C 272 -23.54 24.91 -8.62
C THR C 272 -22.29 24.57 -7.80
N ARG C 273 -22.47 23.93 -6.65
CA ARG C 273 -21.28 23.52 -5.87
C ARG C 273 -20.39 22.58 -6.67
N MET C 274 -20.99 21.69 -7.46
CA MET C 274 -20.19 20.82 -8.32
C MET C 274 -19.57 21.61 -9.47
N ALA C 275 -20.28 22.63 -9.92
CA ALA C 275 -19.79 23.50 -11.00
C ALA C 275 -18.59 24.34 -10.56
N ARG C 276 -18.41 24.48 -9.26
CA ARG C 276 -17.27 25.22 -8.74
C ARG C 276 -15.95 24.52 -9.07
N ASP C 277 -16.00 23.20 -9.24
CA ASP C 277 -14.81 22.42 -9.54
C ASP C 277 -15.12 21.25 -10.49
N PRO C 278 -15.35 21.54 -11.77
CA PRO C 278 -15.76 20.55 -12.78
C PRO C 278 -14.93 19.26 -12.87
N PRO C 279 -13.58 19.33 -12.84
CA PRO C 279 -12.85 18.07 -13.02
C PRO C 279 -12.96 17.15 -11.81
N ARG C 280 -13.44 17.68 -10.69
CA ARG C 280 -13.60 16.91 -9.46
C ARG C 280 -14.85 16.03 -9.51
N TYR C 281 -15.77 16.37 -10.40
CA TYR C 281 -17.04 15.66 -10.48
C TYR C 281 -17.26 15.02 -11.86
N LEU C 282 -16.52 15.46 -12.86
CA LEU C 282 -16.62 14.88 -14.19
C LEU C 282 -15.27 14.47 -14.74
N VAL C 283 -15.20 13.23 -15.23
CA VAL C 283 -13.97 12.67 -15.77
C VAL C 283 -14.12 12.45 -17.27
N ILE C 284 -13.51 13.32 -18.04
CA ILE C 284 -13.62 13.25 -19.50
C ILE C 284 -12.26 12.98 -20.15
N LYS C 285 -12.29 12.13 -21.17
CA LYS C 285 -11.10 11.70 -21.89
C LYS C 285 -11.36 12.00 -23.37
N LEU D 11 -21.99 35.21 -16.05
CA LEU D 11 -21.51 34.49 -17.22
C LEU D 11 -21.79 33.00 -17.13
N VAL D 12 -20.89 32.30 -16.45
CA VAL D 12 -20.94 30.88 -16.19
C VAL D 12 -20.53 30.82 -14.73
N GLU D 13 -20.77 29.71 -14.02
CA GLU D 13 -20.47 29.75 -12.59
C GLU D 13 -18.98 29.68 -12.34
N PRO D 14 -18.46 30.61 -11.52
CA PRO D 14 -17.04 30.88 -11.34
C PRO D 14 -16.24 29.68 -10.83
N LEU D 15 -15.17 29.37 -11.55
CA LEU D 15 -14.23 28.34 -11.17
C LEU D 15 -13.68 28.58 -9.77
N THR D 16 -13.61 27.52 -8.98
CA THR D 16 -12.97 27.60 -7.67
C THR D 16 -12.47 26.22 -7.22
N PRO D 17 -11.30 25.81 -7.76
CA PRO D 17 -10.68 24.49 -7.48
C PRO D 17 -9.97 24.35 -6.13
N SER D 18 -9.99 23.13 -5.58
CA SER D 18 -9.20 22.77 -4.42
C SER D 18 -8.10 21.78 -4.82
N GLY D 19 -8.20 21.30 -6.05
CA GLY D 19 -7.27 20.31 -6.58
C GLY D 19 -7.36 18.95 -5.92
N GLU D 20 -8.58 18.55 -5.56
CA GLU D 20 -8.79 17.22 -4.98
C GLU D 20 -9.22 16.24 -6.06
N ALA D 21 -8.95 14.96 -5.84
CA ALA D 21 -9.17 13.93 -6.85
C ALA D 21 -10.63 13.51 -6.91
N PRO D 22 -11.15 13.24 -8.12
CA PRO D 22 -12.54 12.81 -8.27
C PRO D 22 -12.79 11.40 -7.75
N ASN D 23 -13.93 11.23 -7.09
CA ASN D 23 -14.37 9.92 -6.61
C ASN D 23 -15.15 9.20 -7.70
N GLN D 24 -14.50 8.25 -8.35
CA GLN D 24 -15.16 7.53 -9.44
C GLN D 24 -15.57 6.15 -9.02
N ALA D 25 -15.91 6.00 -7.74
CA ALA D 25 -16.45 4.73 -7.26
C ALA D 25 -17.73 4.43 -8.01
N LEU D 26 -17.87 3.18 -8.45
CA LEU D 26 -19.04 2.78 -9.21
C LEU D 26 -20.13 2.23 -8.29
N LEU D 27 -21.32 2.80 -8.38
CA LEU D 27 -22.45 2.37 -7.58
C LEU D 27 -23.41 1.52 -8.41
N ARG D 28 -23.19 0.21 -8.38
CA ARG D 28 -24.00 -0.72 -9.15
C ARG D 28 -25.42 -0.81 -8.58
N ILE D 29 -26.40 -0.74 -9.46
CA ILE D 29 -27.80 -0.82 -9.05
C ILE D 29 -28.34 -2.23 -9.34
N LEU D 30 -29.01 -2.81 -8.35
CA LEU D 30 -29.58 -4.14 -8.51
C LEU D 30 -31.09 -4.14 -8.37
N LYS D 31 -31.74 -5.14 -8.94
CA LYS D 31 -33.19 -5.29 -8.78
C LYS D 31 -33.49 -6.21 -7.59
N GLU D 32 -34.70 -6.09 -7.07
CA GLU D 32 -35.11 -6.87 -5.91
C GLU D 32 -35.15 -8.36 -6.26
N THR D 33 -35.32 -8.64 -7.55
CA THR D 33 -35.46 -10.01 -8.04
C THR D 33 -34.12 -10.68 -8.26
N GLU D 34 -33.03 -9.97 -8.00
CA GLU D 34 -31.69 -10.53 -8.20
C GLU D 34 -31.19 -11.22 -6.94
N PHE D 35 -31.84 -10.95 -5.81
CA PHE D 35 -31.43 -11.56 -4.55
C PHE D 35 -32.58 -12.01 -3.66
N LYS D 36 -32.36 -13.09 -2.92
CA LYS D 36 -33.34 -13.61 -1.98
C LYS D 36 -32.91 -13.35 -0.53
N LYS D 37 -33.89 -13.40 0.37
CA LYS D 37 -33.62 -13.31 1.79
C LYS D 37 -33.80 -14.66 2.45
N ILE D 38 -32.80 -15.10 3.20
CA ILE D 38 -32.82 -16.41 3.83
C ILE D 38 -33.19 -16.32 5.30
N LYS D 39 -32.44 -15.54 6.07
CA LYS D 39 -32.79 -15.41 7.49
C LYS D 39 -32.34 -14.08 8.09
N VAL D 40 -32.76 -13.78 9.31
CA VAL D 40 -32.39 -12.51 9.93
C VAL D 40 -31.07 -12.60 10.68
N LEU D 41 -30.18 -11.64 10.43
CA LEU D 41 -28.90 -11.56 11.14
C LEU D 41 -28.92 -10.47 12.21
N GLY D 42 -29.68 -9.41 11.95
CA GLY D 42 -29.77 -8.29 12.87
C GLY D 42 -31.12 -7.60 12.82
N SER D 43 -31.52 -6.99 13.92
CA SER D 43 -32.79 -6.30 14.00
C SER D 43 -32.70 -5.04 14.85
N GLY D 44 -33.54 -4.06 14.55
CA GLY D 44 -33.57 -2.82 15.31
C GLY D 44 -34.47 -1.76 14.71
N ALA D 45 -34.35 -0.55 15.22
CA ALA D 45 -35.16 0.57 14.73
C ALA D 45 -34.62 1.07 13.40
N PHE D 46 -33.37 0.74 13.11
CA PHE D 46 -32.75 1.09 11.84
C PHE D 46 -33.41 0.32 10.71
N GLY D 47 -33.81 -0.91 10.99
CA GLY D 47 -34.39 -1.79 9.99
C GLY D 47 -34.06 -3.24 10.29
N THR D 48 -33.47 -3.93 9.32
CA THR D 48 -33.12 -5.33 9.48
C THR D 48 -31.98 -5.73 8.54
N VAL D 49 -30.99 -6.42 9.08
CA VAL D 49 -29.92 -6.99 8.25
C VAL D 49 -30.22 -8.46 7.99
N TYR D 50 -30.35 -8.81 6.72
CA TYR D 50 -30.69 -10.17 6.35
C TYR D 50 -29.49 -10.95 5.80
N LYS D 51 -29.60 -12.26 5.84
CA LYS D 51 -28.71 -13.17 5.16
C LYS D 51 -29.46 -13.71 3.96
N GLY D 52 -28.79 -13.74 2.81
CA GLY D 52 -29.43 -14.17 1.58
C GLY D 52 -28.49 -14.43 0.42
N LEU D 53 -29.05 -14.86 -0.71
CA LEU D 53 -28.27 -15.17 -1.89
C LEU D 53 -28.48 -14.19 -3.03
N TRP D 54 -27.40 -13.55 -3.46
CA TRP D 54 -27.44 -12.70 -4.64
C TRP D 54 -27.11 -13.53 -5.87
N ILE D 55 -28.05 -13.59 -6.81
CA ILE D 55 -27.83 -14.27 -8.07
C ILE D 55 -27.96 -13.26 -9.21
N PRO D 56 -26.80 -12.82 -9.76
CA PRO D 56 -26.79 -11.78 -10.78
C PRO D 56 -27.53 -12.19 -12.05
N GLU D 57 -27.78 -11.23 -12.92
CA GLU D 57 -28.49 -11.51 -14.16
C GLU D 57 -27.55 -11.99 -15.26
N GLY D 58 -27.64 -13.27 -15.60
CA GLY D 58 -26.85 -13.80 -16.69
C GLY D 58 -25.45 -14.29 -16.35
N GLU D 59 -24.87 -13.78 -15.27
CA GLU D 59 -23.54 -14.21 -14.85
C GLU D 59 -23.62 -15.51 -14.07
N LYS D 60 -24.86 -15.89 -13.75
CA LYS D 60 -25.23 -17.05 -12.93
C LYS D 60 -24.10 -17.72 -12.15
N VAL D 61 -23.63 -17.02 -11.12
CA VAL D 61 -22.91 -17.62 -10.00
C VAL D 61 -23.68 -17.17 -8.77
N LYS D 62 -23.69 -17.99 -7.72
CA LYS D 62 -24.49 -17.64 -6.55
C LYS D 62 -23.63 -17.08 -5.42
N ILE D 63 -23.87 -15.81 -5.09
CA ILE D 63 -23.02 -15.06 -4.17
C ILE D 63 -23.68 -14.83 -2.82
N PRO D 64 -23.16 -15.48 -1.77
CA PRO D 64 -23.65 -15.24 -0.41
C PRO D 64 -23.50 -13.78 0.00
N VAL D 65 -24.62 -13.14 0.32
CA VAL D 65 -24.60 -11.72 0.67
C VAL D 65 -25.43 -11.41 1.92
N ALA D 66 -25.06 -10.29 2.56
CA ALA D 66 -25.88 -9.69 3.59
C ALA D 66 -26.65 -8.51 3.01
N ILE D 67 -27.94 -8.45 3.33
CA ILE D 67 -28.82 -7.42 2.80
C ILE D 67 -29.31 -6.52 3.92
N LYS D 68 -28.66 -5.36 4.07
CA LYS D 68 -29.04 -4.40 5.10
C LYS D 68 -30.15 -3.49 4.59
N GLU D 69 -31.35 -3.71 5.09
CA GLU D 69 -32.50 -2.94 4.63
C GLU D 69 -32.94 -1.97 5.73
N LEU D 70 -33.15 -0.72 5.37
CA LEU D 70 -33.47 0.28 6.38
C LEU D 70 -34.86 0.85 6.14
N ARG D 71 -35.62 1.00 7.21
CA ARG D 71 -36.97 1.53 7.15
C ARG D 71 -37.01 2.90 6.47
N GLU D 72 -38.01 3.12 5.63
CA GLU D 72 -38.04 4.28 4.74
C GLU D 72 -38.08 5.62 5.45
N ALA D 73 -37.54 6.63 4.77
CA ALA D 73 -37.23 7.92 5.35
C ALA D 73 -38.44 8.82 5.56
N THR D 74 -38.49 9.46 6.72
CA THR D 74 -39.54 10.42 7.01
C THR D 74 -39.33 11.65 6.13
N SER D 75 -38.07 12.05 6.02
CA SER D 75 -37.69 13.28 5.36
C SER D 75 -36.54 13.00 4.38
N PRO D 76 -36.29 13.93 3.45
CA PRO D 76 -35.17 13.81 2.50
C PRO D 76 -33.76 13.72 3.07
N LYS D 77 -33.46 14.33 4.22
CA LYS D 77 -32.08 14.25 4.74
C LYS D 77 -31.91 13.03 5.61
N ALA D 78 -33.02 12.44 6.00
CA ALA D 78 -32.99 11.06 6.36
C ALA D 78 -32.50 10.34 5.09
N ASN D 79 -33.38 10.08 4.14
CA ASN D 79 -32.94 9.45 2.90
C ASN D 79 -31.45 9.62 2.54
N LYS D 80 -30.97 10.87 2.65
CA LYS D 80 -29.57 11.15 2.35
C LYS D 80 -28.70 10.55 3.47
N GLU D 81 -29.33 10.27 4.63
CA GLU D 81 -28.71 9.50 5.72
C GLU D 81 -28.19 8.23 5.10
N ILE D 82 -29.11 7.51 4.48
CA ILE D 82 -28.71 6.14 4.10
C ILE D 82 -27.88 6.16 2.82
N LEU D 83 -28.30 7.00 1.88
CA LEU D 83 -27.63 7.01 0.59
C LEU D 83 -26.16 7.40 0.72
N ASP D 84 -25.85 8.27 1.67
CA ASP D 84 -24.45 8.58 1.90
C ASP D 84 -23.72 7.48 2.68
N GLU D 85 -24.43 6.75 3.55
CA GLU D 85 -23.78 5.52 4.04
C GLU D 85 -23.33 4.65 2.86
N ALA D 86 -24.22 4.50 1.87
CA ALA D 86 -23.91 3.73 0.66
C ALA D 86 -22.75 4.35 -0.11
N TYR D 87 -22.68 5.67 -0.11
CA TYR D 87 -21.58 6.39 -0.75
C TYR D 87 -20.25 5.93 -0.17
N VAL D 88 -20.16 5.97 1.15
CA VAL D 88 -18.92 5.58 1.81
C VAL D 88 -18.59 4.11 1.59
N MET D 89 -19.57 3.22 1.77
CA MET D 89 -19.32 1.79 1.59
C MET D 89 -19.00 1.43 0.14
N ALA D 90 -19.35 2.30 -0.80
CA ALA D 90 -19.05 2.07 -2.20
C ALA D 90 -17.70 2.65 -2.59
N SER D 91 -17.24 3.64 -1.85
CA SER D 91 -15.97 4.30 -2.17
C SER D 91 -14.72 3.52 -1.73
N VAL D 92 -14.80 2.84 -0.60
CA VAL D 92 -13.63 2.16 -0.02
C VAL D 92 -13.25 0.86 -0.75
N ASP D 93 -11.96 0.55 -0.72
CA ASP D 93 -11.45 -0.72 -1.24
C ASP D 93 -10.29 -1.23 -0.40
N ASN D 94 -10.53 -2.26 0.39
CA ASN D 94 -9.52 -2.79 1.30
C ASN D 94 -9.88 -4.21 1.74
N PRO D 95 -8.87 -5.10 1.81
CA PRO D 95 -9.07 -6.45 2.35
C PRO D 95 -9.62 -6.46 3.78
N HIS D 96 -9.39 -5.40 4.55
CA HIS D 96 -9.84 -5.37 5.94
C HIS D 96 -10.98 -4.38 6.17
N VAL D 97 -11.70 -4.05 5.09
CA VAL D 97 -12.91 -3.23 5.18
C VAL D 97 -13.99 -3.77 4.26
N CYS D 98 -15.19 -4.00 4.80
CA CYS D 98 -16.27 -4.56 4.02
C CYS D 98 -16.82 -3.55 3.03
N ARG D 99 -16.79 -3.90 1.75
CA ARG D 99 -17.17 -2.98 0.68
C ARG D 99 -18.59 -3.25 0.18
N LEU D 100 -19.29 -2.18 -0.20
CA LEU D 100 -20.62 -2.30 -0.81
C LEU D 100 -20.51 -2.96 -2.17
N LEU D 101 -21.42 -3.87 -2.46
CA LEU D 101 -21.47 -4.54 -3.75
C LEU D 101 -22.54 -3.92 -4.64
N GLY D 102 -23.42 -3.12 -4.04
CA GLY D 102 -24.49 -2.46 -4.77
C GLY D 102 -25.72 -2.23 -3.92
N ILE D 103 -26.66 -1.44 -4.44
CA ILE D 103 -27.89 -1.15 -3.70
C ILE D 103 -29.14 -1.43 -4.53
N CYS D 104 -30.23 -1.72 -3.84
CA CYS D 104 -31.53 -1.88 -4.48
C CYS D 104 -32.45 -0.75 -4.06
N LEU D 105 -32.85 0.06 -5.04
CA LEU D 105 -33.66 1.25 -4.77
C LEU D 105 -35.14 0.96 -4.92
N THR D 106 -35.83 0.92 -3.77
CA THR D 106 -37.28 0.74 -3.76
C THR D 106 -37.86 1.66 -2.70
N SER D 107 -39.01 1.30 -2.15
CA SER D 107 -39.61 2.10 -1.08
C SER D 107 -38.63 2.15 0.08
N THR D 108 -37.88 1.07 0.25
CA THR D 108 -36.82 1.01 1.24
C THR D 108 -35.48 0.67 0.58
N VAL D 109 -34.45 1.44 0.90
CA VAL D 109 -33.14 1.24 0.31
C VAL D 109 -32.43 0.04 0.95
N GLN D 110 -31.88 -0.83 0.12
CA GLN D 110 -31.21 -2.03 0.60
C GLN D 110 -29.74 -2.07 0.18
N LEU D 111 -28.87 -1.93 1.16
CA LEU D 111 -27.42 -2.05 0.95
C LEU D 111 -27.06 -3.53 0.86
N ILE D 112 -26.18 -3.88 -0.07
CA ILE D 112 -25.80 -5.28 -0.24
C ILE D 112 -24.30 -5.48 -0.07
N THR D 113 -23.91 -6.30 0.90
CA THR D 113 -22.49 -6.55 1.14
C THR D 113 -22.18 -8.04 1.03
N GLN D 114 -20.88 -8.37 0.97
CA GLN D 114 -20.46 -9.77 0.94
C GLN D 114 -20.74 -10.40 2.30
N LEU D 115 -21.26 -11.63 2.27
CA LEU D 115 -21.62 -12.31 3.51
C LEU D 115 -20.38 -12.75 4.28
N MET D 116 -20.43 -12.59 5.60
CA MET D 116 -19.39 -13.08 6.50
C MET D 116 -19.93 -14.23 7.33
N PRO D 117 -19.44 -15.45 7.07
CA PRO D 117 -19.96 -16.68 7.67
C PRO D 117 -20.04 -16.66 9.19
N PHE D 118 -19.04 -16.06 9.85
CA PHE D 118 -18.99 -16.04 11.30
C PHE D 118 -19.59 -14.76 11.86
N GLY D 119 -19.93 -13.83 10.97
CA GLY D 119 -20.62 -12.60 11.34
C GLY D 119 -19.86 -11.69 12.27
N CYS D 120 -20.58 -11.16 13.25
CA CYS D 120 -20.03 -10.21 14.22
C CYS D 120 -18.84 -10.78 14.99
N LEU D 121 -17.83 -9.95 15.21
CA LEU D 121 -16.65 -10.37 15.97
C LEU D 121 -16.94 -10.41 17.47
N LEU D 122 -17.80 -9.50 17.94
CA LEU D 122 -18.20 -9.44 19.33
C LEU D 122 -18.90 -10.74 19.75
N ASP D 123 -19.69 -11.29 18.83
CA ASP D 123 -20.37 -12.56 19.06
C ASP D 123 -19.37 -13.71 19.05
N TYR D 124 -18.36 -13.59 18.20
CA TYR D 124 -17.37 -14.65 18.01
C TYR D 124 -16.47 -14.80 19.23
N VAL D 125 -16.04 -13.67 19.79
CA VAL D 125 -15.19 -13.70 20.98
C VAL D 125 -16.00 -14.08 22.21
N ARG D 126 -17.31 -14.19 22.05
CA ARG D 126 -18.17 -14.62 23.15
C ARG D 126 -18.42 -16.12 23.07
N GLU D 127 -18.94 -16.60 21.95
CA GLU D 127 -19.22 -18.03 21.81
C GLU D 127 -17.99 -18.92 21.87
N HIS D 128 -16.91 -18.52 21.19
CA HIS D 128 -15.71 -19.34 21.12
C HIS D 128 -14.64 -18.89 22.11
N LYS D 129 -15.07 -18.38 23.27
CA LYS D 129 -14.17 -17.71 24.24
C LYS D 129 -12.88 -18.48 24.61
N ASP D 130 -12.92 -19.82 24.68
CA ASP D 130 -11.74 -20.61 25.13
C ASP D 130 -11.39 -21.44 23.92
N ASN D 131 -11.48 -20.87 22.73
CA ASN D 131 -10.84 -21.54 21.61
C ASN D 131 -9.92 -20.50 21.01
N ILE D 132 -10.00 -19.31 21.58
CA ILE D 132 -9.18 -18.18 21.16
C ILE D 132 -7.87 -18.11 21.92
N GLY D 133 -6.78 -18.10 21.18
CA GLY D 133 -5.47 -17.94 21.77
C GLY D 133 -4.94 -16.53 21.60
N SER D 134 -3.69 -16.35 22.04
CA SER D 134 -2.93 -15.12 21.84
C SER D 134 -2.90 -14.65 20.37
N GLN D 135 -2.47 -15.55 19.48
CA GLN D 135 -2.10 -15.21 18.10
C GLN D 135 -3.31 -14.85 17.23
N TYR D 136 -4.51 -15.12 17.70
CA TYR D 136 -5.70 -14.71 16.96
C TYR D 136 -6.12 -13.30 17.35
N LEU D 137 -6.13 -13.04 18.66
CA LEU D 137 -6.47 -11.72 19.17
C LEU D 137 -5.50 -10.67 18.66
N LEU D 138 -4.21 -10.98 18.69
CA LEU D 138 -3.23 -10.01 18.24
C LEU D 138 -3.34 -9.74 16.73
N ASN D 139 -3.59 -10.79 15.96
CA ASN D 139 -3.78 -10.64 14.52
C ASN D 139 -5.03 -9.83 14.19
N TRP D 140 -6.09 -10.02 14.97
CA TRP D 140 -7.31 -9.25 14.83
C TRP D 140 -7.04 -7.77 15.08
N CYS D 141 -6.31 -7.48 16.15
CA CYS D 141 -5.93 -6.11 16.46
C CYS D 141 -5.14 -5.51 15.29
N VAL D 142 -4.24 -6.31 14.73
CA VAL D 142 -3.43 -5.86 13.59
C VAL D 142 -4.31 -5.51 12.39
N GLN D 143 -5.20 -6.41 12.00
CA GLN D 143 -6.05 -6.19 10.83
C GLN D 143 -7.00 -5.01 11.00
N ILE D 144 -7.55 -4.86 12.20
CA ILE D 144 -8.41 -3.71 12.48
C ILE D 144 -7.61 -2.42 12.40
N ALA D 145 -6.39 -2.45 12.92
CA ALA D 145 -5.51 -1.29 12.84
C ALA D 145 -5.20 -0.93 11.39
N LYS D 146 -4.99 -1.95 10.56
CA LYS D 146 -4.71 -1.75 9.14
C LYS D 146 -5.89 -1.12 8.43
N GLY D 147 -7.08 -1.67 8.68
CA GLY D 147 -8.29 -1.15 8.08
C GLY D 147 -8.53 0.29 8.46
N MET D 148 -8.40 0.59 9.74
CA MET D 148 -8.61 1.95 10.23
C MET D 148 -7.55 2.91 9.69
N ASN D 149 -6.34 2.42 9.47
CA ASN D 149 -5.30 3.26 8.89
C ASN D 149 -5.59 3.55 7.43
N TYR D 150 -6.18 2.56 6.75
CA TYR D 150 -6.65 2.77 5.38
C TYR D 150 -7.73 3.85 5.36
N LEU D 151 -8.64 3.76 6.32
CA LEU D 151 -9.70 4.76 6.44
C LEU D 151 -9.15 6.15 6.76
N GLU D 152 -8.02 6.19 7.48
CA GLU D 152 -7.40 7.47 7.80
C GLU D 152 -6.68 8.07 6.60
N ASP D 153 -6.06 7.22 5.80
CA ASP D 153 -5.36 7.69 4.60
C ASP D 153 -6.37 8.23 3.59
N ARG D 154 -7.59 7.71 3.65
CA ARG D 154 -8.66 8.17 2.77
C ARG D 154 -9.41 9.36 3.39
N ARG D 155 -8.92 9.83 4.53
CA ARG D 155 -9.46 11.02 5.19
C ARG D 155 -10.90 10.82 5.67
N LEU D 156 -11.27 9.56 5.90
CA LEU D 156 -12.62 9.25 6.36
C LEU D 156 -12.64 8.91 7.85
N VAL D 157 -13.61 9.49 8.57
CA VAL D 157 -13.78 9.25 9.98
C VAL D 157 -14.95 8.30 10.20
N HIS D 158 -14.72 7.24 10.97
CA HIS D 158 -15.73 6.21 11.22
C HIS D 158 -16.77 6.67 12.25
N ARG D 159 -16.27 7.23 13.35
CA ARG D 159 -17.07 7.69 14.49
C ARG D 159 -17.89 6.59 15.18
N ASP D 160 -17.72 5.33 14.77
CA ASP D 160 -18.39 4.23 15.44
C ASP D 160 -17.60 2.93 15.34
N LEU D 161 -16.36 2.95 15.81
CA LEU D 161 -15.55 1.74 15.83
C LEU D 161 -15.84 0.94 17.09
N ALA D 162 -16.21 -0.33 16.90
CA ALA D 162 -16.50 -1.21 18.02
C ALA D 162 -16.47 -2.66 17.56
N ALA D 163 -16.54 -3.58 18.52
CA ALA D 163 -16.57 -5.01 18.22
C ALA D 163 -17.83 -5.38 17.45
N ARG D 164 -18.89 -4.60 17.66
CA ARG D 164 -20.16 -4.81 16.97
C ARG D 164 -20.00 -4.62 15.47
N ASN D 165 -19.12 -3.71 15.08
CA ASN D 165 -18.96 -3.33 13.68
C ASN D 165 -17.74 -3.97 13.02
N VAL D 166 -17.29 -5.08 13.57
CA VAL D 166 -16.21 -5.84 12.95
C VAL D 166 -16.74 -7.22 12.54
N LEU D 167 -16.64 -7.52 11.25
CA LEU D 167 -17.17 -8.78 10.75
C LEU D 167 -16.06 -9.81 10.57
N VAL D 168 -16.44 -11.08 10.56
CA VAL D 168 -15.46 -12.16 10.49
C VAL D 168 -15.67 -13.02 9.25
N LYS D 169 -14.73 -12.92 8.30
CA LYS D 169 -14.74 -13.78 7.12
C LYS D 169 -14.22 -15.17 7.50
N THR D 170 -13.00 -15.19 8.03
CA THR D 170 -12.41 -16.40 8.59
C THR D 170 -11.84 -16.01 9.96
N PRO D 171 -11.57 -17.00 10.83
CA PRO D 171 -10.96 -16.70 12.13
C PRO D 171 -9.66 -15.90 12.00
N GLN D 172 -9.04 -15.95 10.82
CA GLN D 172 -7.80 -15.25 10.54
C GLN D 172 -8.02 -13.96 9.76
N HIS D 173 -9.28 -13.64 9.46
CA HIS D 173 -9.58 -12.48 8.62
C HIS D 173 -10.86 -11.76 9.03
N VAL D 174 -10.70 -10.50 9.42
CA VAL D 174 -11.83 -9.66 9.82
C VAL D 174 -11.92 -8.38 8.98
N LYS D 175 -13.08 -7.73 9.02
CA LYS D 175 -13.29 -6.49 8.28
C LYS D 175 -14.06 -5.47 9.10
N ILE D 176 -14.16 -4.25 8.56
CA ILE D 176 -14.88 -3.17 9.22
C ILE D 176 -16.10 -2.78 8.39
N THR D 177 -17.17 -2.35 9.06
CA THR D 177 -18.41 -2.02 8.36
C THR D 177 -19.20 -0.89 9.02
N ASP D 178 -20.52 -1.03 9.02
CA ASP D 178 -21.45 0.03 9.42
C ASP D 178 -21.27 1.25 8.52
N PHE D 179 -20.45 2.20 8.97
CA PHE D 179 -20.22 3.47 8.26
C PHE D 179 -21.47 4.35 8.26
N GLY D 180 -22.41 4.04 9.16
CA GLY D 180 -23.65 4.78 9.27
C GLY D 180 -23.47 6.16 9.89
N LEU D 181 -22.39 6.34 10.64
CA LEU D 181 -22.10 7.61 11.28
C LEU D 181 -20.87 8.24 10.64
N ALA D 182 -20.27 7.52 9.71
CA ALA D 182 -19.02 7.95 9.08
C ALA D 182 -19.15 9.27 8.35
N LYS D 183 -18.12 10.11 8.48
CA LYS D 183 -18.06 11.39 7.82
C LYS D 183 -16.73 11.58 7.10
N LEU D 184 -16.77 12.14 5.91
CA LEU D 184 -15.56 12.35 5.11
C LEU D 184 -14.97 13.73 5.33
N LEU D 185 -13.70 13.78 5.72
CA LEU D 185 -13.00 15.04 5.91
C LEU D 185 -12.38 15.55 4.62
N GLY D 186 -12.58 16.82 4.32
CA GLY D 186 -11.89 17.43 3.20
C GLY D 186 -10.47 17.70 3.61
N ALA D 187 -9.61 18.03 2.65
CA ALA D 187 -8.24 18.43 2.95
C ALA D 187 -8.27 19.71 3.77
N GLU D 188 -9.33 20.49 3.54
CA GLU D 188 -9.70 21.64 4.37
C GLU D 188 -9.62 21.33 5.86
N GLU D 189 -10.57 20.50 6.30
CA GLU D 189 -10.84 20.22 7.71
C GLU D 189 -9.93 19.14 8.31
N LYS D 190 -9.77 19.19 9.64
CA LYS D 190 -9.00 18.17 10.35
C LYS D 190 -9.84 17.54 11.46
N GLU D 191 -10.87 18.26 11.89
CA GLU D 191 -11.81 17.75 12.89
C GLU D 191 -13.24 17.80 12.35
N TYR D 192 -14.12 17.00 12.93
CA TYR D 192 -15.54 17.05 12.58
C TYR D 192 -16.44 17.40 13.76
N HIS D 193 -17.29 18.40 13.56
CA HIS D 193 -18.23 18.82 14.59
C HIS D 193 -19.63 18.40 14.16
N ALA D 194 -20.27 17.59 14.99
CA ALA D 194 -21.62 17.10 14.70
C ALA D 194 -22.63 17.89 15.50
N GLU D 195 -23.79 18.12 14.90
CA GLU D 195 -24.79 18.97 15.54
C GLU D 195 -25.63 18.20 16.55
N GLY D 196 -25.26 16.95 16.79
CA GLY D 196 -25.92 16.14 17.80
C GLY D 196 -26.26 14.75 17.34
N GLY D 197 -27.39 14.23 17.82
CA GLY D 197 -27.85 12.91 17.44
C GLY D 197 -27.42 11.81 18.39
N LYS D 198 -27.53 10.57 17.93
CA LYS D 198 -27.26 9.40 18.76
C LYS D 198 -25.94 8.73 18.42
N VAL D 199 -24.98 8.84 19.33
CA VAL D 199 -23.66 8.23 19.16
C VAL D 199 -23.31 7.41 20.40
N PRO D 200 -22.81 6.18 20.21
CA PRO D 200 -22.45 5.30 21.34
C PRO D 200 -21.34 5.88 22.19
N ILE D 201 -21.72 6.36 23.38
CA ILE D 201 -20.83 7.11 24.26
C ILE D 201 -19.63 6.34 24.81
N LYS D 202 -19.82 5.05 25.09
CA LYS D 202 -18.80 4.29 25.81
C LYS D 202 -17.64 3.87 24.89
N TRP D 203 -17.71 4.31 23.64
CA TRP D 203 -16.62 4.09 22.69
C TRP D 203 -16.02 5.42 22.26
N MET D 204 -16.68 6.50 22.64
CA MET D 204 -16.27 7.84 22.23
C MET D 204 -15.13 8.40 23.09
N ALA D 205 -14.35 9.30 22.50
CA ALA D 205 -13.31 10.02 23.22
C ALA D 205 -13.93 11.09 24.11
N LEU D 206 -13.14 11.65 25.02
CA LEU D 206 -13.65 12.66 25.94
C LEU D 206 -14.10 13.92 25.22
N GLU D 207 -13.28 14.39 24.28
CA GLU D 207 -13.59 15.61 23.53
C GLU D 207 -14.82 15.42 22.65
N SER D 208 -15.06 14.18 22.24
CA SER D 208 -16.22 13.86 21.42
C SER D 208 -17.49 13.93 22.26
N ILE D 209 -17.35 13.72 23.56
CA ILE D 209 -18.47 13.75 24.48
C ILE D 209 -18.74 15.17 24.97
N LEU D 210 -17.67 15.91 25.23
CA LEU D 210 -17.77 17.25 25.80
C LEU D 210 -18.05 18.31 24.75
N HIS D 211 -17.39 18.20 23.59
CA HIS D 211 -17.47 19.23 22.58
C HIS D 211 -17.99 18.71 21.24
N ARG D 212 -18.31 17.42 21.21
CA ARG D 212 -18.85 16.78 20.00
C ARG D 212 -17.87 16.89 18.83
N ILE D 213 -16.58 16.97 19.16
CA ILE D 213 -15.52 17.06 18.17
C ILE D 213 -15.04 15.67 17.77
N TYR D 214 -14.99 15.40 16.46
CA TYR D 214 -14.57 14.09 15.98
C TYR D 214 -13.31 14.20 15.10
N THR D 215 -12.34 13.33 15.39
CA THR D 215 -11.08 13.32 14.66
C THR D 215 -10.67 11.87 14.39
N HIS D 216 -9.50 11.69 13.78
CA HIS D 216 -8.97 10.36 13.56
C HIS D 216 -8.43 9.75 14.85
N GLN D 217 -7.98 10.61 15.76
CA GLN D 217 -7.45 10.15 17.03
C GLN D 217 -8.54 9.83 18.04
N SER D 218 -9.78 10.20 17.73
CA SER D 218 -10.92 9.79 18.55
C SER D 218 -11.24 8.34 18.23
N ASP D 219 -11.09 7.98 16.95
CA ASP D 219 -11.28 6.61 16.51
C ASP D 219 -10.18 5.71 17.08
N VAL D 220 -9.12 6.34 17.59
CA VAL D 220 -8.06 5.62 18.27
C VAL D 220 -8.53 5.24 19.68
N TRP D 221 -9.25 6.16 20.32
CA TRP D 221 -9.90 5.90 21.60
C TRP D 221 -10.90 4.75 21.41
N SER D 222 -11.71 4.86 20.36
CA SER D 222 -12.67 3.82 20.02
C SER D 222 -11.96 2.49 19.77
N TYR D 223 -10.79 2.57 19.14
CA TYR D 223 -9.98 1.38 18.88
C TYR D 223 -9.53 0.73 20.18
N GLY D 224 -9.11 1.55 21.14
CA GLY D 224 -8.70 1.06 22.43
C GLY D 224 -9.84 0.35 23.14
N VAL D 225 -11.03 0.93 23.08
CA VAL D 225 -12.19 0.30 23.70
C VAL D 225 -12.54 -1.02 23.00
N THR D 226 -12.37 -1.05 21.68
CA THR D 226 -12.63 -2.26 20.90
C THR D 226 -11.68 -3.39 21.32
N VAL D 227 -10.40 -3.08 21.36
CA VAL D 227 -9.39 -4.05 21.79
C VAL D 227 -9.69 -4.50 23.22
N TRP D 228 -10.21 -3.60 24.04
CA TRP D 228 -10.64 -3.97 25.38
C TRP D 228 -11.77 -5.00 25.33
N GLU D 229 -12.70 -4.81 24.39
CA GLU D 229 -13.79 -5.76 24.21
C GLU D 229 -13.27 -7.13 23.78
N LEU D 230 -12.21 -7.13 22.97
CA LEU D 230 -11.65 -8.38 22.48
C LEU D 230 -10.85 -9.15 23.53
N MET D 231 -10.05 -8.41 24.30
CA MET D 231 -9.20 -9.05 25.30
C MET D 231 -10.00 -9.52 26.51
N THR D 232 -11.19 -8.95 26.68
CA THR D 232 -12.09 -9.38 27.75
C THR D 232 -13.10 -10.38 27.22
N PHE D 233 -12.90 -10.80 25.98
CA PHE D 233 -13.75 -11.79 25.31
C PHE D 233 -15.22 -11.36 25.24
N GLY D 234 -15.45 -10.09 24.92
CA GLY D 234 -16.80 -9.61 24.70
C GLY D 234 -17.51 -9.09 25.94
N SER D 235 -16.75 -8.59 26.90
CA SER D 235 -17.34 -7.97 28.07
C SER D 235 -17.88 -6.59 27.72
N LYS D 236 -18.80 -6.09 28.53
CA LYS D 236 -19.39 -4.79 28.28
C LYS D 236 -18.59 -3.68 28.95
N PRO D 237 -18.20 -2.66 28.18
CA PRO D 237 -17.42 -1.52 28.67
C PRO D 237 -18.18 -0.75 29.73
N TYR D 238 -17.51 -0.40 30.83
CA TYR D 238 -18.13 0.42 31.88
C TYR D 238 -19.49 -0.11 32.29
N ASP D 239 -19.63 -1.44 32.33
CA ASP D 239 -20.93 -2.06 32.59
C ASP D 239 -21.40 -1.75 34.00
N GLY D 240 -22.70 -1.49 34.13
CA GLY D 240 -23.28 -1.09 35.39
C GLY D 240 -23.34 0.43 35.51
N ILE D 241 -22.46 1.11 34.79
CA ILE D 241 -22.42 2.58 34.78
C ILE D 241 -23.18 3.17 33.60
N PRO D 242 -24.20 3.99 33.90
CA PRO D 242 -24.93 4.70 32.84
C PRO D 242 -24.02 5.72 32.15
N ALA D 243 -24.23 5.96 30.87
CA ALA D 243 -23.40 6.90 30.12
C ALA D 243 -23.47 8.32 30.68
N SER D 244 -24.57 8.61 31.38
CA SER D 244 -24.79 9.89 32.04
C SER D 244 -23.60 10.43 32.80
N GLU D 245 -22.82 9.57 33.44
CA GLU D 245 -21.59 10.02 34.06
C GLU D 245 -20.39 9.17 33.69
N ILE D 246 -20.35 8.68 32.45
CA ILE D 246 -19.10 8.13 31.95
C ILE D 246 -18.17 9.29 31.61
N SER D 247 -18.80 10.37 31.10
CA SER D 247 -18.16 11.66 30.91
C SER D 247 -17.30 12.05 32.08
N SER D 248 -17.88 12.01 33.27
CA SER D 248 -17.21 12.50 34.46
C SER D 248 -16.02 11.61 34.80
N ILE D 249 -16.19 10.31 34.60
CA ILE D 249 -15.21 9.33 35.04
C ILE D 249 -13.86 9.60 34.39
N LEU D 250 -13.92 9.95 33.11
CA LEU D 250 -12.72 10.20 32.33
C LEU D 250 -11.92 11.40 32.82
N GLU D 251 -12.59 12.44 33.32
CA GLU D 251 -11.83 13.56 33.87
C GLU D 251 -11.03 13.14 35.10
N LYS D 252 -11.55 12.16 35.84
CA LYS D 252 -10.87 11.72 37.04
C LYS D 252 -9.58 10.96 36.73
N GLY D 253 -9.55 10.31 35.57
CA GLY D 253 -8.39 9.53 35.16
C GLY D 253 -8.71 8.06 35.30
N GLU D 254 -9.96 7.77 35.65
CA GLU D 254 -10.41 6.39 35.78
C GLU D 254 -10.69 5.85 34.39
N ARG D 255 -10.04 4.75 34.03
CA ARG D 255 -10.26 4.15 32.72
C ARG D 255 -10.78 2.72 32.85
N LEU D 256 -10.89 2.04 31.73
CA LEU D 256 -11.30 0.63 31.72
C LEU D 256 -10.24 -0.19 32.44
N PRO D 257 -10.68 -1.20 33.22
CA PRO D 257 -9.75 -2.04 33.97
C PRO D 257 -8.88 -2.90 33.05
N GLN D 258 -7.76 -3.38 33.59
CA GLN D 258 -6.87 -4.25 32.82
C GLN D 258 -7.44 -5.65 32.71
N PRO D 259 -7.66 -6.13 31.48
CA PRO D 259 -8.16 -7.48 31.23
C PRO D 259 -7.22 -8.55 31.78
N PRO D 260 -7.78 -9.65 32.32
CA PRO D 260 -7.02 -10.72 32.99
C PRO D 260 -5.92 -11.33 32.13
N ILE D 261 -6.09 -11.34 30.81
CA ILE D 261 -5.11 -11.96 29.93
C ILE D 261 -4.04 -11.00 29.46
N CYS D 262 -4.26 -9.71 29.68
CA CYS D 262 -3.33 -8.69 29.18
C CYS D 262 -2.14 -8.51 30.09
N THR D 263 -0.97 -8.35 29.48
CA THR D 263 0.25 -8.01 30.20
C THR D 263 0.30 -6.51 30.42
N ILE D 264 1.32 -6.04 31.13
CA ILE D 264 1.44 -4.63 31.45
C ILE D 264 1.80 -3.82 30.20
N ASP D 265 2.23 -4.50 29.15
CA ASP D 265 2.64 -3.82 27.92
C ASP D 265 1.46 -3.60 26.96
N VAL D 266 0.54 -4.56 26.91
CA VAL D 266 -0.65 -4.45 26.07
C VAL D 266 -1.62 -3.42 26.64
N TYR D 267 -1.88 -3.54 27.94
CA TYR D 267 -2.76 -2.63 28.63
C TYR D 267 -2.20 -1.20 28.59
N MET D 268 -0.91 -1.09 28.29
CA MET D 268 -0.30 0.22 28.10
C MET D 268 -0.69 0.85 26.77
N ILE D 269 -0.73 0.05 25.72
CA ILE D 269 -1.12 0.56 24.43
C ILE D 269 -2.59 0.92 24.50
N MET D 270 -3.35 0.10 25.23
CA MET D 270 -4.76 0.38 25.48
C MET D 270 -4.94 1.69 26.24
N ARG D 271 -4.17 1.89 27.31
CA ARG D 271 -4.20 3.13 28.09
C ARG D 271 -3.72 4.34 27.29
N LYS D 272 -2.87 4.08 26.30
CA LYS D 272 -2.28 5.12 25.49
C LYS D 272 -3.34 5.69 24.56
N CYS D 273 -4.29 4.84 24.18
CA CYS D 273 -5.38 5.25 23.32
C CYS D 273 -6.42 6.10 24.07
N TRP D 274 -6.39 6.01 25.40
CA TRP D 274 -7.38 6.73 26.21
C TRP D 274 -6.79 7.97 26.88
N MET D 275 -5.73 8.52 26.30
CA MET D 275 -5.12 9.73 26.83
C MET D 275 -5.94 10.95 26.42
N ILE D 276 -5.97 11.95 27.29
CA ILE D 276 -6.77 13.15 27.06
C ILE D 276 -6.32 13.93 25.83
N ASP D 277 -5.03 14.24 25.76
CA ASP D 277 -4.48 14.92 24.59
C ASP D 277 -4.54 14.01 23.36
N ALA D 278 -5.27 14.45 22.36
CA ALA D 278 -5.52 13.63 21.17
C ALA D 278 -4.24 13.34 20.39
N ASP D 279 -3.27 14.25 20.46
CA ASP D 279 -2.02 14.09 19.75
C ASP D 279 -1.06 13.19 20.51
N SER D 280 -1.32 13.03 21.81
CA SER D 280 -0.52 12.14 22.65
C SER D 280 -0.90 10.69 22.41
N ARG D 281 -2.11 10.48 21.92
CA ARG D 281 -2.61 9.14 21.61
C ARG D 281 -1.90 8.57 20.38
N PRO D 282 -1.78 7.25 20.31
CA PRO D 282 -1.17 6.67 19.12
C PRO D 282 -2.00 6.88 17.86
N LYS D 283 -1.38 6.66 16.70
CA LYS D 283 -2.06 6.66 15.42
C LYS D 283 -2.09 5.22 14.95
N PHE D 284 -2.92 4.93 13.96
CA PHE D 284 -3.12 3.55 13.57
C PHE D 284 -1.88 2.83 13.03
N ARG D 285 -1.01 3.55 12.31
CA ARG D 285 0.23 2.95 11.83
C ARG D 285 1.12 2.36 12.94
N GLU D 286 1.44 3.15 13.97
CA GLU D 286 2.19 2.62 15.09
C GLU D 286 1.50 1.39 15.64
N LEU D 287 0.18 1.46 15.78
CA LEU D 287 -0.58 0.35 16.34
C LEU D 287 -0.35 -0.90 15.49
N ILE D 288 -0.29 -0.71 14.18
CA ILE D 288 0.05 -1.82 13.29
C ILE D 288 1.43 -2.34 13.64
N ILE D 289 2.41 -1.45 13.77
CA ILE D 289 3.79 -1.85 14.09
C ILE D 289 3.91 -2.61 15.41
N GLU D 290 3.36 -2.03 16.48
CA GLU D 290 3.40 -2.58 17.82
C GLU D 290 2.69 -3.92 17.91
N PHE D 291 1.46 -3.99 17.41
CA PHE D 291 0.69 -5.22 17.51
C PHE D 291 1.25 -6.29 16.57
N SER D 292 1.89 -5.88 15.48
CA SER D 292 2.56 -6.84 14.60
C SER D 292 3.81 -7.37 15.27
N LYS D 293 4.46 -6.51 16.06
CA LYS D 293 5.61 -6.92 16.85
C LYS D 293 5.19 -7.96 17.89
N MET D 294 4.11 -7.66 18.60
CA MET D 294 3.60 -8.58 19.62
C MET D 294 3.10 -9.89 19.00
N ALA D 295 2.57 -9.81 17.78
CA ALA D 295 1.95 -10.96 17.13
C ALA D 295 2.97 -12.02 16.72
N ARG D 296 4.25 -11.65 16.77
CA ARG D 296 5.32 -12.58 16.42
C ARG D 296 5.78 -13.38 17.65
N ASP D 297 5.27 -13.01 18.81
CA ASP D 297 5.49 -13.78 20.03
C ASP D 297 4.33 -13.54 20.99
N PRO D 298 3.18 -14.15 20.68
CA PRO D 298 1.91 -13.84 21.33
C PRO D 298 1.80 -14.32 22.79
N GLN D 299 2.37 -15.47 23.14
CA GLN D 299 2.31 -15.96 24.52
C GLN D 299 3.09 -15.08 25.50
N ARG D 300 3.96 -14.23 24.97
CA ARG D 300 4.79 -13.36 25.79
C ARG D 300 3.99 -12.12 26.19
N TYR D 301 3.01 -11.76 25.38
CA TYR D 301 2.21 -10.56 25.61
C TYR D 301 0.78 -10.84 26.08
N LEU D 302 0.35 -12.08 25.96
CA LEU D 302 -0.99 -12.48 26.43
C LEU D 302 -0.93 -13.82 27.16
N VAL D 303 -1.43 -13.87 28.39
CA VAL D 303 -1.41 -15.11 29.17
C VAL D 303 -2.74 -15.85 29.01
N ILE D 304 -2.75 -16.87 28.16
CA ILE D 304 -3.96 -17.65 27.91
C ILE D 304 -3.70 -19.13 28.13
N GLN D 305 -4.58 -19.81 28.89
CA GLN D 305 -4.27 -21.19 29.23
C GLN D 305 -4.56 -22.24 28.20
N GLY D 306 -5.26 -21.86 27.14
CA GLY D 306 -5.54 -22.74 26.02
C GLY D 306 -4.24 -23.01 25.32
N ASP D 307 -3.42 -21.97 25.25
CA ASP D 307 -2.11 -22.04 24.58
C ASP D 307 -1.21 -23.14 25.15
PG ANP E . 38.10 -36.10 7.41
O1G ANP E . 38.87 -37.37 7.48
O2G ANP E . 37.97 -35.65 5.90
O3G ANP E . 38.87 -34.98 8.22
PB ANP E . 36.21 -37.88 8.49
O1B ANP E . 34.75 -37.99 8.81
O2B ANP E . 36.55 -38.84 7.32
N3B ANP E . 36.54 -36.29 8.06
PA ANP E . 37.89 -39.59 9.80
O1A ANP E . 37.98 -40.22 8.47
O2A ANP E . 39.24 -39.20 10.42
O3A ANP E . 37.01 -38.26 9.76
O5' ANP E . 37.06 -40.56 10.74
C5' ANP E . 35.89 -41.23 10.23
C4' ANP E . 34.87 -41.37 11.33
O4' ANP E . 35.49 -41.18 12.61
C3' ANP E . 33.70 -40.36 11.26
O3' ANP E . 32.49 -41.03 10.92
C2' ANP E . 33.65 -39.75 12.68
O2' ANP E . 32.32 -39.69 13.17
C1' ANP E . 34.49 -40.73 13.49
N9 ANP E . 35.11 -40.14 14.66
C8 ANP E . 36.25 -39.36 14.70
N7 ANP E . 36.58 -38.95 15.91
C5 ANP E . 35.58 -39.50 16.72
C6 ANP E . 35.37 -39.44 18.11
N6 ANP E . 36.15 -38.78 18.97
N1 ANP E . 34.29 -40.09 18.60
C2 ANP E . 33.50 -40.76 17.76
N3 ANP E . 33.61 -40.89 16.43
C4 ANP E . 34.69 -40.22 15.97
MG MG F . 37.33 -36.83 11.22
PB ADP G . 27.96 6.53 -6.71
O1B ADP G . 27.12 7.71 -6.30
O2B ADP G . 28.93 6.84 -7.83
O3B ADP G . 28.58 5.80 -5.54
PA ADP G . 25.45 5.64 -7.82
O1A ADP G . 24.67 4.38 -7.50
O2A ADP G . 24.92 6.98 -7.38
O3A ADP G . 26.97 5.41 -7.35
O5' ADP G . 25.62 5.75 -9.42
C5' ADP G . 24.77 6.66 -10.11
C4' ADP G . 25.34 7.03 -11.47
O4' ADP G . 25.66 5.85 -12.19
C3' ADP G . 24.30 7.82 -12.26
O3' ADP G . 24.88 9.02 -12.79
C2' ADP G . 23.89 6.90 -13.39
O2' ADP G . 24.04 7.55 -14.65
C1' ADP G . 24.78 5.68 -13.31
N9 ADP G . 23.91 4.52 -13.00
C8 ADP G . 23.95 3.77 -11.88
N7 ADP G . 23.01 2.79 -11.90
C5 ADP G . 22.36 2.90 -13.06
C6 ADP G . 21.25 2.17 -13.73
N6 ADP G . 20.65 1.11 -13.13
N1 ADP G . 20.86 2.60 -14.95
C2 ADP G . 21.44 3.65 -15.55
N3 ADP G . 22.46 4.36 -15.01
C4 ADP G . 22.95 4.03 -13.78
MG MG H . 25.82 9.22 -6.17
PG ANP I . -41.94 16.43 -27.37
O1G ANP I . -42.45 15.54 -28.45
O2G ANP I . -41.75 15.57 -26.05
O3G ANP I . -42.99 17.57 -27.09
PB ANP I . -40.20 17.16 -29.46
O1B ANP I . -38.79 16.74 -29.74
O2B ANP I . -41.16 16.19 -30.19
N3B ANP I . -40.45 17.12 -27.79
PA ANP I . -41.72 19.10 -30.72
O1A ANP I . -42.65 17.98 -31.00
O2A ANP I . -42.32 20.22 -29.88
O3A ANP I . -40.40 18.62 -29.98
O5' ANP I . -41.18 19.64 -32.11
C5' ANP I . -40.31 18.83 -32.92
C4' ANP I . -39.12 19.65 -33.37
O4' ANP I . -39.37 21.06 -33.12
C3' ANP I . -37.80 19.31 -32.69
O3' ANP I . -36.81 18.98 -33.67
C2' ANP I . -37.44 20.58 -31.92
O2' ANP I . -36.03 20.83 -31.90
C1' ANP I . -38.17 21.65 -32.71
N9 ANP I . -38.48 22.86 -31.95
C8 ANP I . -39.43 23.00 -30.97
N7 ANP I . -39.48 24.20 -30.45
C5 ANP I . -38.50 24.90 -31.13
C6 ANP I . -38.05 26.24 -31.05
N6 ANP I . -38.56 27.14 -30.19
N1 ANP I . -37.04 26.62 -31.87
C2 ANP I . -36.54 25.71 -32.72
N3 ANP I . -36.87 24.43 -32.88
C4 ANP I . -37.87 24.09 -32.06
MG MG J . -40.62 19.48 -27.90
PB ADP K . -26.40 -1.07 12.27
O1B ADP K . -27.41 -0.10 11.71
O2B ADP K . -25.32 -0.41 13.11
O3B ADP K . -26.97 -2.33 12.88
PA ADP K . -24.35 -2.56 11.10
O1A ADP K . -23.65 -2.67 9.76
O2A ADP K . -23.55 -2.24 12.34
O3A ADP K . -25.63 -1.61 10.97
O5' ADP K . -25.06 -3.96 11.39
C5' ADP K . -24.22 -5.10 11.27
C4' ADP K . -24.74 -6.32 12.03
O4' ADP K . -25.49 -7.16 11.13
C3' ADP K . -23.51 -7.08 12.47
O3' ADP K . -23.44 -7.10 13.89
C2' ADP K . -23.68 -8.47 11.89
O2' ADP K . -24.07 -9.37 12.93
C1' ADP K . -24.77 -8.36 10.85
N9 ADP K . -24.15 -8.20 9.50
C8 ADP K . -24.19 -7.08 8.74
N7 ADP K . -23.52 -7.23 7.57
C5 ADP K . -23.05 -8.49 7.56
C6 ADP K . -22.26 -9.30 6.60
N6 ADP K . -21.85 -8.78 5.42
N1 ADP K . -21.97 -10.56 6.95
C2 ADP K . -22.38 -11.09 8.13
N3 ADP K . -23.10 -10.40 9.04
C4 ADP K . -23.47 -9.12 8.81
MG MG L . -23.61 -0.74 14.54
#